data_3O9L
#
_entry.id   3O9L
#
_cell.length_a   67.031
_cell.length_b   90.366
_cell.length_c   120.774
_cell.angle_alpha   90.00
_cell.angle_beta   90.00
_cell.angle_gamma   90.00
#
_symmetry.space_group_name_H-M   'P 21 21 21'
#
loop_
_entity.id
_entity.type
_entity.pdbx_description
1 polymer Renin
2 polymer Renin
3 non-polymer 2-acetamido-2-deoxy-beta-D-glucopyranose
4 non-polymer (3R,4S)-N-[2-chloro-5-(3-methoxypropyl)benzyl]-N-cyclopropyl-4-{4-[2-(2,6-dichloro-4-methylphenoxy)ethoxy]phenyl}piperidine-3-carboxamide
5 water water
#
loop_
_entity_poly.entity_id
_entity_poly.type
_entity_poly.pdbx_seq_one_letter_code
_entity_poly.pdbx_strand_id
1 'polypeptide(L)'
;LTLGNTTSSVILTNYMDTQYYGEIGIGTPPQTFKVVFDTGSSNVWVPSSKCSRLYTACVYHKLFDASDSSSYKHNGTELT
LRYSTGTVSGFLSQDIITVGGITVTQMFGEVTEMPALPFMLAEFDGVVGMGFIEQAIGRVTPIFDNIISQGVLKEDVFSF
YYNRDS
;
A,C
2 'polypeptide(L)'
;SLGGQIVLGGSDPQHYEGNFHYINLIKTGVWQIQMKGVSVGSSTLLCEDGCLALVDTGASYISGSTSSIEKLMEALGAKK
RLFDYVVKCNEGPTLPDISFHLGGKEYTLTSADYVFQESYSSKKLCTLAIHAMDIPPPTGPTWALGATFIRKFYTEFDRR
NNRIGFALARHHHHHH
;
B,D
#
loop_
_chem_comp.id
_chem_comp.type
_chem_comp.name
_chem_comp.formula
LPN non-polymer (3R,4S)-N-[2-chloro-5-(3-methoxypropyl)benzyl]-N-cyclopropyl-4-{4-[2-(2,6-dichloro-4-methylphenoxy)ethoxy]phenyl}piperidine-3-carboxamide 'C35 H41 Cl3 N2 O4'
NAG D-saccharide, beta linking 2-acetamido-2-deoxy-beta-D-glucopyranose 'C8 H15 N O6'
#
# COMPACT_ATOMS: atom_id res chain seq x y z
N GLY A 4 -13.38 33.24 -22.50
CA GLY A 4 -12.24 32.68 -23.29
C GLY A 4 -12.60 32.29 -24.71
N ASN A 5 -11.59 31.93 -25.49
CA ASN A 5 -11.78 31.45 -26.86
C ASN A 5 -11.03 30.16 -27.16
N THR A 6 -10.19 29.71 -26.24
CA THR A 6 -9.32 28.58 -26.52
C THR A 6 -9.95 27.24 -26.19
N THR A 7 -9.46 26.21 -26.88
CA THR A 7 -9.77 24.82 -26.59
C THR A 7 -8.48 24.08 -26.38
N SER A 8 -8.30 23.53 -25.19
CA SER A 8 -7.16 22.65 -24.93
C SER A 8 -7.57 21.22 -25.17
N SER A 9 -6.63 20.43 -25.67
CA SER A 9 -6.84 19.00 -25.88
C SER A 9 -5.55 18.21 -25.64
N VAL A 10 -5.67 16.97 -25.16
CA VAL A 10 -4.53 16.14 -24.78
C VAL A 10 -4.69 14.71 -25.31
N ILE A 11 -3.70 14.26 -26.07
CA ILE A 11 -3.62 12.89 -26.61
C ILE A 11 -3.39 11.83 -25.52
N LEU A 12 -4.02 10.67 -25.69
CA LEU A 12 -3.86 9.60 -24.73
C LEU A 12 -3.23 8.37 -25.33
N THR A 13 -2.57 7.60 -24.49
CA THR A 13 -2.09 6.28 -24.82
C THR A 13 -3.05 5.26 -24.22
N ASN A 14 -3.51 4.31 -25.06
CA ASN A 14 -4.33 3.20 -24.59
C ASN A 14 -3.48 1.97 -24.36
N TYR A 15 -3.20 1.68 -23.09
CA TYR A 15 -2.53 0.45 -22.78
C TYR A 15 -3.57 -0.65 -22.51
N MET A 16 -3.84 -1.47 -23.53
CA MET A 16 -4.56 -2.75 -23.39
C MET A 16 -6.03 -2.64 -22.89
N ASP A 17 -6.73 -1.61 -23.35
CA ASP A 17 -8.11 -1.29 -22.92
C ASP A 17 -8.32 -1.09 -21.38
N THR A 18 -7.24 -1.08 -20.60
CA THR A 18 -7.33 -0.89 -19.12
C THR A 18 -6.74 0.43 -18.60
N GLN A 19 -5.70 0.92 -19.27
CA GLN A 19 -5.06 2.16 -18.81
C GLN A 19 -4.95 3.19 -19.91
N TYR A 20 -5.57 4.33 -19.68
CA TYR A 20 -5.51 5.44 -20.61
C TYR A 20 -4.86 6.61 -19.86
N TYR A 21 -3.79 7.16 -20.42
N TYR A 21 -3.81 7.18 -20.43
CA TYR A 21 -3.00 8.22 -19.78
CA TYR A 21 -3.05 8.26 -19.78
C TYR A 21 -2.45 9.20 -20.81
C TYR A 21 -2.47 9.21 -20.81
N GLY A 22 -2.12 10.41 -20.37
CA GLY A 22 -1.48 11.43 -21.23
C GLY A 22 -0.39 12.24 -20.53
N GLU A 23 0.31 13.09 -21.29
CA GLU A 23 1.44 13.84 -20.75
C GLU A 23 1.07 15.23 -20.17
N ILE A 24 1.65 15.54 -19.01
CA ILE A 24 1.64 16.87 -18.38
C ILE A 24 3.06 17.26 -17.93
N GLY A 25 3.32 18.55 -17.76
CA GLY A 25 4.64 19.03 -17.32
C GLY A 25 4.56 19.81 -16.02
N ILE A 26 5.45 19.55 -15.06
CA ILE A 26 5.50 20.36 -13.83
C ILE A 26 6.83 21.14 -13.64
N GLY A 27 6.71 22.45 -13.48
CA GLY A 27 7.82 23.29 -13.07
C GLY A 27 8.53 24.03 -14.18
N THR A 28 9.67 24.64 -13.82
CA THR A 28 10.60 25.33 -14.75
C THR A 28 12.05 24.78 -14.65
N PRO A 29 12.60 24.29 -15.79
CA PRO A 29 11.84 23.93 -17.00
C PRO A 29 10.87 22.77 -16.66
N PRO A 30 9.94 22.42 -17.59
CA PRO A 30 8.94 21.37 -17.29
C PRO A 30 9.55 19.99 -17.11
N GLN A 31 9.22 19.32 -16.01
CA GLN A 31 9.50 17.87 -15.85
C GLN A 31 8.21 17.17 -16.26
N THR A 32 8.28 16.23 -17.21
CA THR A 32 7.08 15.62 -17.80
C THR A 32 6.64 14.27 -17.23
N PHE A 33 5.34 14.15 -17.00
CA PHE A 33 4.77 12.94 -16.39
C PHE A 33 3.61 12.33 -17.18
N LYS A 34 3.44 11.01 -17.05
CA LYS A 34 2.26 10.33 -17.57
C LYS A 34 1.22 10.18 -16.46
N VAL A 35 0.02 10.68 -16.69
CA VAL A 35 -1.05 10.66 -15.68
C VAL A 35 -2.44 10.24 -16.22
N VAL A 36 -3.24 9.64 -15.33
CA VAL A 36 -4.65 9.40 -15.58
C VAL A 36 -5.45 10.58 -15.04
N PHE A 37 -6.31 11.11 -15.88
CA PHE A 37 -7.30 12.13 -15.52
C PHE A 37 -8.55 11.50 -14.89
N ASP A 38 -8.70 11.74 -13.59
CA ASP A 38 -9.67 11.05 -12.75
C ASP A 38 -10.83 11.93 -12.28
N THR A 39 -12.02 11.67 -12.83
CA THR A 39 -13.23 12.34 -12.34
C THR A 39 -13.74 11.73 -11.04
N GLY A 40 -13.17 10.59 -10.65
CA GLY A 40 -13.50 10.00 -9.36
C GLY A 40 -12.67 10.53 -8.22
N SER A 41 -11.79 11.49 -8.50
CA SER A 41 -10.91 12.03 -7.47
C SER A 41 -10.54 13.47 -7.76
N SER A 42 -10.02 14.16 -6.75
CA SER A 42 -9.93 15.61 -6.77
C SER A 42 -8.54 16.24 -6.55
N ASN A 43 -7.51 15.41 -6.40
CA ASN A 43 -6.17 15.88 -6.11
C ASN A 43 -5.19 15.55 -7.25
N VAL A 44 -4.17 16.40 -7.41
CA VAL A 44 -3.00 16.05 -8.24
C VAL A 44 -1.92 15.34 -7.39
N TRP A 45 -1.48 14.17 -7.85
CA TRP A 45 -0.47 13.39 -7.14
C TRP A 45 0.61 12.97 -8.11
N VAL A 46 1.87 13.22 -7.78
CA VAL A 46 3.00 12.69 -8.53
C VAL A 46 4.02 12.09 -7.57
N PRO A 47 4.90 11.21 -8.07
CA PRO A 47 5.96 10.70 -7.17
C PRO A 47 7.11 11.69 -6.97
N SER A 48 7.67 11.68 -5.74
CA SER A 48 8.70 12.63 -5.27
C SER A 48 10.09 12.04 -5.39
N SER A 49 11.09 12.89 -5.58
CA SER A 49 12.49 12.46 -5.44
C SER A 49 12.81 11.99 -4.00
N LYS A 50 11.95 12.30 -3.03
CA LYS A 50 12.13 11.80 -1.66
C LYS A 50 11.66 10.35 -1.46
N CYS A 51 10.96 9.80 -2.45
CA CYS A 51 10.51 8.42 -2.40
C CYS A 51 11.73 7.52 -2.48
N SER A 52 11.94 6.71 -1.44
CA SER A 52 13.09 5.83 -1.44
C SER A 52 13.05 4.89 -2.63
N ARG A 53 14.22 4.61 -3.19
CA ARG A 53 14.36 3.63 -4.28
C ARG A 53 13.91 2.24 -3.81
N LEU A 54 13.79 2.09 -2.49
CA LEU A 54 13.33 0.85 -1.88
C LEU A 54 11.81 0.70 -1.96
N TYR A 55 11.13 1.72 -2.47
CA TYR A 55 9.72 1.55 -2.83
C TYR A 55 9.64 1.20 -4.30
N THR A 56 9.10 0.01 -4.59
CA THR A 56 9.02 -0.49 -5.96
C THR A 56 8.12 0.39 -6.79
N ALA A 57 6.96 0.74 -6.23
CA ALA A 57 5.99 1.59 -6.93
C ALA A 57 6.60 2.93 -7.39
N CYS A 58 7.81 3.24 -6.91
CA CYS A 58 8.50 4.47 -7.32
C CYS A 58 9.64 4.20 -8.28
N VAL A 59 10.53 3.28 -7.91
CA VAL A 59 11.78 3.08 -8.65
C VAL A 59 11.62 3.07 -10.18
N TYR A 60 10.51 2.51 -10.66
CA TYR A 60 10.26 2.36 -12.11
C TYR A 60 9.36 3.44 -12.69
N HIS A 61 9.07 4.47 -11.91
CA HIS A 61 8.29 5.60 -12.41
C HIS A 61 9.15 6.85 -12.40
N LYS A 62 8.65 7.95 -12.96
CA LYS A 62 9.31 9.24 -12.90
C LYS A 62 9.15 9.93 -11.54
N LEU A 63 10.15 10.72 -11.16
CA LEU A 63 10.15 11.44 -9.90
C LEU A 63 10.33 12.93 -10.13
N PHE A 64 9.52 13.72 -9.42
CA PHE A 64 9.64 15.17 -9.43
C PHE A 64 10.73 15.65 -8.44
N ASP A 65 11.65 16.47 -8.93
CA ASP A 65 12.70 17.04 -8.09
C ASP A 65 12.56 18.57 -7.97
N ALA A 66 12.25 19.03 -6.75
CA ALA A 66 11.96 20.44 -6.52
C ALA A 66 13.21 21.25 -6.68
N SER A 67 14.34 20.55 -6.50
CA SER A 67 15.66 21.11 -6.53
C SER A 67 16.09 21.43 -7.96
N ASP A 68 15.29 20.99 -8.92
CA ASP A 68 15.55 21.28 -10.33
C ASP A 68 14.61 22.36 -10.90
N SER A 69 13.71 22.87 -10.06
CA SER A 69 12.70 23.84 -10.48
C SER A 69 12.83 25.23 -9.86
N SER A 70 13.02 26.20 -10.73
CA SER A 70 13.12 27.61 -10.33
C SER A 70 11.80 28.25 -9.97
N SER A 71 10.66 27.60 -10.23
CA SER A 71 9.34 28.20 -9.91
C SER A 71 8.65 27.63 -8.66
N TYR A 72 9.22 26.58 -8.10
CA TYR A 72 8.61 25.84 -7.01
C TYR A 72 8.50 26.64 -5.70
N LYS A 73 7.40 26.42 -4.98
CA LYS A 73 7.13 27.16 -3.78
C LYS A 73 6.69 26.22 -2.66
N HIS A 74 7.51 26.15 -1.63
CA HIS A 74 7.42 25.18 -0.55
C HIS A 74 6.16 25.36 0.31
N ASN A 75 5.60 24.25 0.77
CA ASN A 75 4.50 24.27 1.72
C ASN A 75 4.75 23.25 2.83
N GLY A 76 4.88 21.98 2.46
CA GLY A 76 5.26 20.92 3.40
C GLY A 76 4.19 20.27 4.25
N THR A 77 2.97 20.82 4.25
CA THR A 77 1.85 20.20 4.96
C THR A 77 1.69 18.73 4.56
N GLU A 78 1.56 17.85 5.56
CA GLU A 78 1.49 16.42 5.30
C GLU A 78 0.06 16.00 5.03
N LEU A 79 -0.10 15.11 4.06
CA LEU A 79 -1.43 14.67 3.64
C LEU A 79 -1.44 13.18 3.29
N THR A 80 -2.59 12.55 3.56
CA THR A 80 -2.74 11.09 3.50
C THR A 80 -3.97 10.65 2.70
N LEU A 81 -3.86 9.47 2.07
CA LEU A 81 -4.98 8.81 1.38
C LEU A 81 -4.96 7.30 1.67
N ARG A 82 -6.13 6.78 2.02
CA ARG A 82 -6.23 5.37 2.41
C ARG A 82 -6.81 4.48 1.30
N TYR A 83 -5.93 3.69 0.71
CA TYR A 83 -6.34 2.67 -0.24
C TYR A 83 -6.66 1.37 0.52
N SER A 84 -7.19 0.39 -0.18
CA SER A 84 -7.51 -0.90 0.40
C SER A 84 -6.25 -1.72 0.71
N THR A 85 -5.25 -1.58 -0.15
CA THR A 85 -4.01 -2.34 -0.08
C THR A 85 -2.92 -1.71 0.83
N GLY A 86 -3.14 -0.48 1.27
CA GLY A 86 -2.17 0.25 2.11
C GLY A 86 -2.46 1.74 2.11
N THR A 87 -1.50 2.54 2.54
CA THR A 87 -1.69 4.00 2.63
C THR A 87 -0.75 4.76 1.70
N VAL A 88 -1.24 5.87 1.17
CA VAL A 88 -0.45 6.78 0.34
C VAL A 88 -0.26 8.07 1.09
N SER A 89 1.00 8.50 1.24
CA SER A 89 1.26 9.80 1.85
C SER A 89 2.44 10.51 1.19
N GLY A 90 2.48 11.81 1.44
CA GLY A 90 3.47 12.73 0.93
C GLY A 90 3.10 14.11 1.46
N PHE A 91 3.60 15.14 0.82
CA PHE A 91 3.45 16.51 1.32
C PHE A 91 3.01 17.48 0.20
N LEU A 92 2.42 18.62 0.59
CA LEU A 92 1.99 19.63 -0.39
C LEU A 92 3.17 20.38 -0.98
N SER A 93 3.06 20.69 -2.26
CA SER A 93 3.96 21.53 -2.97
C SER A 93 3.15 22.36 -3.92
N GLN A 94 3.72 23.48 -4.34
CA GLN A 94 3.16 24.32 -5.38
C GLN A 94 4.18 24.40 -6.51
N ASP A 95 3.71 24.29 -7.75
CA ASP A 95 4.51 24.65 -8.91
C ASP A 95 3.64 24.96 -10.12
N ILE A 96 4.25 25.39 -11.21
CA ILE A 96 3.51 25.63 -12.46
C ILE A 96 3.30 24.33 -13.27
N ILE A 97 2.02 24.02 -13.55
CA ILE A 97 1.66 22.82 -14.31
C ILE A 97 1.08 23.18 -15.69
N THR A 98 1.52 22.48 -16.73
CA THR A 98 1.04 22.71 -18.09
C THR A 98 0.28 21.50 -18.69
N VAL A 99 -1.01 21.71 -18.99
CA VAL A 99 -1.89 20.73 -19.64
C VAL A 99 -2.40 21.34 -20.95
N GLY A 100 -2.07 20.69 -22.07
CA GLY A 100 -2.35 21.27 -23.39
C GLY A 100 -1.70 22.63 -23.46
N GLY A 101 -2.44 23.63 -23.92
CA GLY A 101 -1.92 25.00 -23.96
C GLY A 101 -2.13 25.76 -22.65
N ILE A 102 -2.44 25.07 -21.57
CA ILE A 102 -2.81 25.74 -20.33
C ILE A 102 -1.70 25.65 -19.27
N THR A 103 -1.24 26.83 -18.85
CA THR A 103 -0.26 26.97 -17.80
C THR A 103 -0.98 27.40 -16.52
N VAL A 104 -0.75 26.67 -15.44
CA VAL A 104 -1.49 26.93 -14.21
C VAL A 104 -0.65 26.70 -12.97
N THR A 105 -0.72 27.67 -12.06
CA THR A 105 -0.18 27.54 -10.74
C THR A 105 -1.09 26.60 -9.95
N GLN A 106 -0.49 25.63 -9.26
CA GLN A 106 -1.30 24.56 -8.68
C GLN A 106 -0.62 23.93 -7.48
N MET A 107 -1.38 23.74 -6.42
CA MET A 107 -0.96 22.89 -5.32
C MET A 107 -1.18 21.41 -5.67
N PHE A 108 -0.25 20.55 -5.24
CA PHE A 108 -0.28 19.12 -5.53
C PHE A 108 0.49 18.32 -4.48
N GLY A 109 0.39 17.00 -4.56
CA GLY A 109 1.04 16.10 -3.64
C GLY A 109 2.28 15.47 -4.22
N GLU A 110 3.33 15.37 -3.40
CA GLU A 110 4.52 14.61 -3.72
C GLU A 110 4.48 13.34 -2.86
N VAL A 111 4.38 12.16 -3.48
CA VAL A 111 4.34 10.91 -2.70
C VAL A 111 5.73 10.42 -2.25
N THR A 112 5.83 10.06 -0.97
CA THR A 112 7.09 9.57 -0.39
C THR A 112 6.97 8.13 0.09
N GLU A 113 5.80 7.53 -0.07
CA GLU A 113 5.59 6.13 0.26
C GLU A 113 4.26 5.64 -0.26
N MET A 114 4.31 4.55 -1.03
CA MET A 114 3.09 3.90 -1.55
C MET A 114 3.28 2.40 -1.75
N PRO A 115 2.26 1.59 -1.40
CA PRO A 115 2.44 0.15 -1.52
C PRO A 115 2.76 -0.27 -2.95
N ALA A 116 3.55 -1.34 -3.09
CA ALA A 116 3.87 -1.88 -4.43
C ALA A 116 2.62 -2.15 -5.29
N LEU A 117 1.54 -2.67 -4.68
CA LEU A 117 0.32 -3.03 -5.38
C LEU A 117 -0.84 -2.15 -5.01
N PRO A 118 -1.61 -1.69 -6.01
CA PRO A 118 -1.44 -2.02 -7.44
C PRO A 118 -0.43 -1.10 -8.13
N PHE A 119 0.09 -0.13 -7.38
CA PHE A 119 0.84 0.98 -7.96
C PHE A 119 2.02 0.63 -8.87
N MET A 120 2.63 -0.54 -8.68
CA MET A 120 3.75 -0.99 -9.52
C MET A 120 3.32 -1.44 -10.94
N LEU A 121 2.02 -1.53 -11.17
CA LEU A 121 1.50 -2.01 -12.46
C LEU A 121 1.05 -0.89 -13.40
N ALA A 122 1.01 0.34 -12.89
CA ALA A 122 0.71 1.49 -13.74
C ALA A 122 1.85 1.75 -14.72
N GLU A 123 1.49 2.01 -15.99
CA GLU A 123 2.46 2.50 -16.98
C GLU A 123 2.62 4.01 -16.83
N PHE A 124 1.71 4.60 -16.06
CA PHE A 124 1.69 6.04 -15.85
C PHE A 124 2.28 6.35 -14.48
N ASP A 125 2.71 7.59 -14.30
CA ASP A 125 3.45 8.07 -13.13
C ASP A 125 2.57 8.63 -11.99
N GLY A 126 1.48 9.30 -12.35
CA GLY A 126 0.55 9.86 -11.36
C GLY A 126 -0.89 10.00 -11.78
N VAL A 127 -1.63 10.89 -11.10
N VAL A 127 -1.62 10.89 -11.12
CA VAL A 127 -3.04 11.16 -11.35
CA VAL A 127 -2.98 11.20 -11.50
C VAL A 127 -3.36 12.66 -11.25
C VAL A 127 -3.20 12.69 -11.44
N VAL A 128 -4.27 13.13 -12.10
CA VAL A 128 -4.81 14.48 -11.98
C VAL A 128 -6.31 14.29 -11.74
N GLY A 129 -6.84 14.78 -10.63
CA GLY A 129 -8.24 14.58 -10.32
C GLY A 129 -9.10 15.61 -11.01
N MET A 130 -10.23 15.18 -11.59
CA MET A 130 -11.12 16.12 -12.30
C MET A 130 -12.40 16.34 -11.52
N GLY A 131 -12.37 15.95 -10.24
CA GLY A 131 -13.52 16.04 -9.37
C GLY A 131 -13.66 17.40 -8.73
N PHE A 132 -14.53 17.45 -7.72
CA PHE A 132 -14.89 18.67 -7.02
C PHE A 132 -14.05 18.93 -5.76
N ILE A 133 -14.07 20.17 -5.28
CA ILE A 133 -13.39 20.54 -4.04
C ILE A 133 -13.89 19.75 -2.82
N GLU A 134 -15.21 19.55 -2.73
CA GLU A 134 -15.84 18.77 -1.64
C GLU A 134 -15.08 17.47 -1.34
N GLN A 135 -14.55 16.84 -2.39
CA GLN A 135 -13.83 15.56 -2.29
C GLN A 135 -12.32 15.69 -2.04
N ALA A 136 -11.77 16.84 -2.43
CA ALA A 136 -10.32 17.10 -2.39
C ALA A 136 -9.70 17.00 -0.98
N ILE A 137 -8.60 16.27 -0.89
CA ILE A 137 -7.94 16.02 0.39
C ILE A 137 -7.09 17.22 0.83
N GLY A 138 -7.35 17.68 2.04
CA GLY A 138 -6.74 18.91 2.56
C GLY A 138 -7.50 20.14 2.09
N ARG A 139 -8.59 19.91 1.37
CA ARG A 139 -9.39 20.96 0.73
C ARG A 139 -8.54 21.87 -0.19
N VAL A 140 -7.47 21.28 -0.72
CA VAL A 140 -6.70 21.87 -1.82
C VAL A 140 -7.57 22.03 -3.07
N THR A 141 -7.36 23.13 -3.78
CA THR A 141 -8.14 23.48 -4.97
C THR A 141 -7.78 22.63 -6.19
N PRO A 142 -8.78 21.95 -6.78
CA PRO A 142 -8.55 21.10 -7.95
C PRO A 142 -8.16 21.88 -9.20
N ILE A 143 -7.53 21.18 -10.14
CA ILE A 143 -6.91 21.82 -11.30
C ILE A 143 -7.90 22.55 -12.21
N PHE A 144 -9.05 21.92 -12.47
CA PHE A 144 -10.07 22.49 -13.34
C PHE A 144 -10.74 23.73 -12.74
N ASP A 145 -10.76 23.83 -11.42
CA ASP A 145 -11.29 25.05 -10.77
C ASP A 145 -10.36 26.23 -11.02
N ASN A 146 -9.06 25.97 -10.99
CA ASN A 146 -8.07 27.02 -11.28
C ASN A 146 -8.05 27.35 -12.75
N ILE A 147 -8.26 26.34 -13.59
CA ILE A 147 -8.41 26.61 -15.02
C ILE A 147 -9.64 27.50 -15.29
N ILE A 148 -10.78 27.13 -14.69
CA ILE A 148 -12.00 27.94 -14.71
C ILE A 148 -11.78 29.41 -14.30
N SER A 149 -10.96 29.63 -13.27
CA SER A 149 -10.77 30.97 -12.72
C SER A 149 -9.92 31.87 -13.60
N GLN A 150 -9.02 31.27 -14.40
CA GLN A 150 -8.20 32.02 -15.36
C GLN A 150 -9.04 32.83 -16.35
N GLY A 151 -10.15 32.24 -16.82
CA GLY A 151 -11.04 32.89 -17.80
C GLY A 151 -10.63 32.70 -19.26
N VAL A 152 -10.07 31.53 -19.60
CA VAL A 152 -9.51 31.30 -20.93
C VAL A 152 -10.21 30.18 -21.74
N LEU A 153 -11.11 29.44 -21.10
CA LEU A 153 -11.79 28.33 -21.75
C LEU A 153 -13.00 28.85 -22.53
N LYS A 154 -13.30 28.26 -23.69
CA LYS A 154 -14.55 28.60 -24.37
C LYS A 154 -15.75 28.26 -23.50
N GLU A 155 -15.75 27.08 -22.88
CA GLU A 155 -16.85 26.68 -22.00
C GLU A 155 -16.33 25.86 -20.84
N ASP A 156 -16.96 26.00 -19.68
CA ASP A 156 -16.51 25.30 -18.48
C ASP A 156 -16.95 23.82 -18.50
N VAL A 157 -16.55 23.15 -19.58
CA VAL A 157 -16.74 21.72 -19.79
C VAL A 157 -15.43 21.05 -20.20
N PHE A 158 -15.39 19.73 -20.08
CA PHE A 158 -14.31 18.90 -20.64
C PHE A 158 -14.90 17.54 -21.03
N SER A 159 -14.35 16.94 -22.08
CA SER A 159 -14.86 15.70 -22.67
C SER A 159 -13.81 14.60 -22.81
N PHE A 160 -14.28 13.34 -22.79
CA PHE A 160 -13.43 12.16 -22.98
C PHE A 160 -13.78 11.29 -24.20
N TYR A 161 -12.75 11.01 -25.00
CA TYR A 161 -12.73 9.93 -25.97
C TYR A 161 -11.64 8.91 -25.62
N TYR A 162 -12.07 7.64 -25.55
CA TYR A 162 -11.25 6.45 -25.37
C TYR A 162 -11.47 5.46 -26.54
N ASN A 163 -10.39 5.14 -27.28
CA ASN A 163 -10.45 4.17 -28.38
C ASN A 163 -10.56 2.70 -27.90
N ARG A 164 -10.76 1.78 -28.84
CA ARG A 164 -10.63 0.34 -28.60
C ARG A 164 -9.21 -0.09 -28.95
N ASP A 165 -8.94 -1.40 -28.90
CA ASP A 165 -7.59 -1.93 -29.16
C ASP A 165 -7.56 -2.87 -30.39
N SER B 1 -2.67 4.12 -34.15
CA SER B 1 -4.04 4.49 -33.81
C SER B 1 -4.10 5.32 -32.55
N LEU B 2 -4.87 6.41 -32.61
CA LEU B 2 -5.11 7.30 -31.46
C LEU B 2 -5.67 6.52 -30.26
N GLY B 3 -4.96 6.51 -29.15
CA GLY B 3 -5.42 5.79 -27.95
C GLY B 3 -6.58 6.47 -27.23
N GLY B 4 -6.71 7.77 -27.39
CA GLY B 4 -7.74 8.52 -26.68
C GLY B 4 -7.51 10.02 -26.74
N GLN B 5 -8.46 10.78 -26.19
CA GLN B 5 -8.36 12.22 -26.20
C GLN B 5 -9.23 12.86 -25.11
N ILE B 6 -8.66 13.87 -24.46
CA ILE B 6 -9.41 14.67 -23.49
C ILE B 6 -9.42 16.13 -23.93
N VAL B 7 -10.61 16.69 -24.11
CA VAL B 7 -10.74 18.09 -24.53
C VAL B 7 -11.17 18.97 -23.38
N LEU B 8 -10.44 20.08 -23.17
CA LEU B 8 -10.80 21.05 -22.15
C LEU B 8 -11.47 22.24 -22.80
N GLY B 9 -12.74 22.47 -22.46
CA GLY B 9 -13.44 23.67 -22.90
C GLY B 9 -14.34 23.48 -24.10
N GLY B 10 -14.52 22.22 -24.49
CA GLY B 10 -15.42 21.84 -25.56
C GLY B 10 -15.46 20.33 -25.78
N SER B 11 -15.98 19.94 -26.93
CA SER B 11 -15.97 18.55 -27.34
C SER B 11 -15.34 18.44 -28.71
N ASP B 12 -15.32 17.23 -29.27
CA ASP B 12 -14.81 17.04 -30.62
C ASP B 12 -15.77 16.19 -31.44
N PRO B 13 -16.52 16.83 -32.36
CA PRO B 13 -17.50 16.18 -33.22
C PRO B 13 -16.96 15.04 -34.05
N GLN B 14 -15.70 15.10 -34.49
CA GLN B 14 -15.12 13.99 -35.24
C GLN B 14 -15.13 12.64 -34.47
N HIS B 15 -15.25 12.67 -33.14
CA HIS B 15 -15.17 11.43 -32.35
C HIS B 15 -16.51 10.94 -31.81
N TYR B 16 -17.56 11.72 -32.04
CA TYR B 16 -18.94 11.23 -31.87
C TYR B 16 -19.89 11.53 -33.04
N GLU B 17 -21.13 11.07 -32.94
CA GLU B 17 -22.16 11.38 -33.90
C GLU B 17 -23.47 11.53 -33.16
N GLY B 18 -24.31 12.43 -33.67
CA GLY B 18 -25.54 12.83 -33.00
C GLY B 18 -25.36 14.04 -32.12
N ASN B 19 -26.23 14.18 -31.14
CA ASN B 19 -26.14 15.24 -30.16
C ASN B 19 -26.16 14.60 -28.79
N PHE B 20 -25.88 15.38 -27.76
CA PHE B 20 -25.77 14.83 -26.40
C PHE B 20 -27.12 14.70 -25.71
N HIS B 21 -27.30 13.60 -25.00
CA HIS B 21 -28.35 13.55 -24.01
C HIS B 21 -27.78 13.73 -22.62
N TYR B 22 -28.31 14.73 -21.92
CA TYR B 22 -27.71 15.30 -20.71
C TYR B 22 -28.50 14.90 -19.49
N ILE B 23 -27.81 14.74 -18.36
CA ILE B 23 -28.46 14.36 -17.11
C ILE B 23 -27.96 15.21 -15.94
N ASN B 24 -28.86 15.60 -15.04
CA ASN B 24 -28.48 16.43 -13.91
C ASN B 24 -27.91 15.62 -12.74
N LEU B 25 -26.97 16.21 -12.01
CA LEU B 25 -26.34 15.54 -10.88
C LEU B 25 -27.29 15.46 -9.69
N ILE B 26 -27.30 14.32 -9.01
CA ILE B 26 -28.03 14.17 -7.76
C ILE B 26 -27.69 15.39 -6.91
N LYS B 27 -26.39 15.65 -6.78
CA LYS B 27 -25.87 16.73 -5.96
C LYS B 27 -24.54 17.21 -6.52
N THR B 28 -24.26 18.51 -6.41
CA THR B 28 -22.93 19.05 -6.72
C THR B 28 -21.94 18.58 -5.64
N GLY B 29 -20.70 18.32 -6.07
CA GLY B 29 -19.66 17.79 -5.20
C GLY B 29 -19.10 16.48 -5.70
N VAL B 30 -19.83 15.84 -6.60
CA VAL B 30 -19.46 14.52 -7.15
C VAL B 30 -20.07 14.35 -8.55
N TRP B 31 -19.32 13.77 -9.47
CA TRP B 31 -19.85 13.47 -10.81
C TRP B 31 -20.68 12.17 -10.75
N GLN B 32 -21.86 12.28 -10.16
CA GLN B 32 -22.71 11.14 -9.89
C GLN B 32 -24.15 11.43 -10.29
N ILE B 33 -24.74 10.50 -11.04
CA ILE B 33 -26.08 10.67 -11.59
C ILE B 33 -26.98 9.50 -11.21
N GLN B 34 -28.29 9.68 -11.39
CA GLN B 34 -29.29 8.66 -11.08
C GLN B 34 -29.41 7.63 -12.21
N MET B 35 -29.54 6.37 -11.83
CA MET B 35 -29.72 5.29 -12.80
C MET B 35 -31.02 4.52 -12.48
N LYS B 36 -31.89 4.40 -13.48
CA LYS B 36 -33.25 3.87 -13.28
C LYS B 36 -33.43 2.39 -13.60
N GLY B 37 -32.37 1.74 -14.06
CA GLY B 37 -32.41 0.29 -14.25
C GLY B 37 -31.27 -0.30 -15.04
N VAL B 38 -30.96 -1.56 -14.72
CA VAL B 38 -29.97 -2.32 -15.45
C VAL B 38 -30.64 -3.60 -15.97
N SER B 39 -30.51 -3.80 -17.27
CA SER B 39 -31.27 -4.81 -17.95
C SER B 39 -30.34 -5.85 -18.59
N VAL B 40 -30.80 -7.10 -18.58
CA VAL B 40 -30.13 -8.24 -19.23
C VAL B 40 -31.09 -8.84 -20.26
N GLY B 41 -30.69 -8.84 -21.53
CA GLY B 41 -31.64 -9.07 -22.62
C GLY B 41 -32.60 -7.90 -22.65
N SER B 42 -33.87 -8.15 -22.96
CA SER B 42 -34.87 -7.07 -22.98
C SER B 42 -35.78 -7.09 -21.74
N SER B 43 -35.21 -7.50 -20.61
CA SER B 43 -35.90 -7.56 -19.33
C SER B 43 -35.09 -6.85 -18.24
N THR B 44 -35.79 -6.16 -17.33
CA THR B 44 -35.15 -5.26 -16.36
C THR B 44 -34.83 -5.96 -15.04
N LEU B 45 -33.76 -6.74 -15.05
CA LEU B 45 -33.35 -7.60 -13.94
C LEU B 45 -32.91 -6.88 -12.64
N LEU B 46 -32.17 -5.78 -12.77
CA LEU B 46 -31.46 -5.16 -11.63
C LEU B 46 -31.68 -3.65 -11.43
N CYS B 47 -31.43 -3.17 -10.21
CA CYS B 47 -31.55 -1.73 -9.86
C CYS B 47 -32.89 -1.17 -10.36
N GLU B 48 -33.95 -1.89 -10.02
CA GLU B 48 -35.28 -1.68 -10.63
C GLU B 48 -35.94 -0.38 -10.19
N ASP B 49 -35.81 -0.05 -8.90
CA ASP B 49 -36.37 1.17 -8.32
C ASP B 49 -35.55 2.40 -8.68
N GLY B 50 -34.24 2.23 -8.65
CA GLY B 50 -33.28 3.29 -8.89
C GLY B 50 -32.03 3.01 -8.10
N CYS B 51 -30.89 3.41 -8.66
CA CYS B 51 -29.59 3.24 -8.04
C CYS B 51 -28.71 4.44 -8.40
N LEU B 52 -27.45 4.42 -7.96
CA LEU B 52 -26.54 5.55 -8.22
C LEU B 52 -25.47 5.18 -9.23
N ALA B 53 -25.20 6.09 -10.17
CA ALA B 53 -24.18 5.88 -11.20
C ALA B 53 -23.03 6.89 -11.13
N LEU B 54 -21.89 6.41 -10.65
CA LEU B 54 -20.70 7.22 -10.55
C LEU B 54 -19.97 7.15 -11.89
N VAL B 55 -19.67 8.30 -12.48
CA VAL B 55 -19.11 8.30 -13.84
C VAL B 55 -17.61 8.57 -13.81
N ASP B 56 -16.86 7.47 -13.80
CA ASP B 56 -15.45 7.51 -13.36
C ASP B 56 -14.44 7.26 -14.49
N THR B 57 -13.86 8.34 -14.99
CA THR B 57 -12.91 8.26 -16.09
C THR B 57 -11.62 7.56 -15.70
N GLY B 58 -11.33 7.55 -14.39
CA GLY B 58 -10.13 6.94 -13.87
C GLY B 58 -10.23 5.47 -13.49
N ALA B 59 -11.31 4.81 -13.88
CA ALA B 59 -11.47 3.37 -13.62
C ALA B 59 -11.47 2.57 -14.91
N SER B 60 -10.97 1.34 -14.83
CA SER B 60 -10.92 0.45 -16.00
C SER B 60 -12.29 -0.09 -16.40
N TYR B 61 -13.18 -0.26 -15.44
CA TYR B 61 -14.41 -1.05 -15.65
C TYR B 61 -15.74 -0.40 -15.30
N ILE B 62 -16.80 -1.16 -15.60
CA ILE B 62 -18.03 -0.99 -14.90
C ILE B 62 -17.86 -1.66 -13.55
N SER B 63 -18.36 -1.04 -12.49
CA SER B 63 -18.35 -1.70 -11.20
C SER B 63 -19.70 -1.64 -10.53
N GLY B 64 -20.14 -2.78 -10.03
CA GLY B 64 -21.32 -2.87 -9.18
C GLY B 64 -20.96 -3.38 -7.79
N SER B 65 -21.93 -3.35 -6.89
CA SER B 65 -21.78 -3.93 -5.55
C SER B 65 -21.83 -5.44 -5.67
N THR B 66 -21.28 -6.13 -4.67
CA THR B 66 -21.23 -7.59 -4.65
C THR B 66 -22.60 -8.23 -4.93
N SER B 67 -23.60 -7.81 -4.15
CA SER B 67 -24.99 -8.15 -4.38
C SER B 67 -25.34 -8.06 -5.86
N SER B 68 -25.21 -6.86 -6.42
CA SER B 68 -25.55 -6.62 -7.84
C SER B 68 -24.80 -7.54 -8.80
N ILE B 69 -23.50 -7.69 -8.57
CA ILE B 69 -22.65 -8.44 -9.50
C ILE B 69 -22.92 -9.95 -9.53
N GLU B 70 -23.02 -10.58 -8.36
CA GLU B 70 -23.40 -12.01 -8.30
C GLU B 70 -24.62 -12.27 -9.20
N LYS B 71 -25.58 -11.35 -9.10
CA LYS B 71 -26.85 -11.39 -9.82
C LYS B 71 -26.70 -11.14 -11.31
N LEU B 72 -25.73 -10.32 -11.70
CA LEU B 72 -25.49 -10.09 -13.12
C LEU B 72 -24.75 -11.26 -13.77
N MET B 73 -23.78 -11.79 -13.04
CA MET B 73 -22.95 -12.89 -13.53
C MET B 73 -23.79 -14.14 -13.59
N GLU B 74 -24.62 -14.33 -12.58
CA GLU B 74 -25.52 -15.47 -12.54
C GLU B 74 -26.37 -15.44 -13.80
N ALA B 75 -26.96 -14.28 -14.10
CA ALA B 75 -27.78 -14.11 -15.29
C ALA B 75 -26.98 -14.39 -16.59
N LEU B 76 -25.72 -13.99 -16.63
CA LEU B 76 -24.85 -14.24 -17.79
C LEU B 76 -24.37 -15.70 -17.89
N GLY B 77 -24.18 -16.33 -16.73
CA GLY B 77 -23.64 -17.69 -16.65
C GLY B 77 -22.13 -17.77 -16.44
N ALA B 78 -21.57 -16.77 -15.77
CA ALA B 78 -20.13 -16.64 -15.59
C ALA B 78 -19.58 -17.34 -14.34
N LYS B 79 -18.34 -17.78 -14.41
CA LYS B 79 -17.64 -18.36 -13.26
C LYS B 79 -16.77 -17.31 -12.59
N LYS B 80 -16.84 -17.25 -11.26
CA LYS B 80 -16.05 -16.29 -10.49
C LYS B 80 -14.67 -16.87 -10.19
N ARG B 81 -13.64 -16.19 -10.70
CA ARG B 81 -12.24 -16.42 -10.32
C ARG B 81 -11.85 -15.50 -9.17
N LEU B 82 -10.68 -15.72 -8.60
CA LEU B 82 -10.21 -14.99 -7.42
C LEU B 82 -10.38 -13.46 -7.52
N PHE B 83 -9.99 -12.88 -8.65
CA PHE B 83 -10.05 -11.43 -8.85
C PHE B 83 -10.95 -10.98 -10.01
N ASP B 84 -11.53 -11.94 -10.72
CA ASP B 84 -12.32 -11.61 -11.91
C ASP B 84 -13.45 -12.60 -12.18
N TYR B 85 -14.20 -12.32 -13.25
CA TYR B 85 -15.25 -13.20 -13.75
C TYR B 85 -14.92 -13.65 -15.17
N VAL B 86 -15.23 -14.90 -15.48
CA VAL B 86 -14.87 -15.49 -16.77
C VAL B 86 -15.98 -16.37 -17.35
N VAL B 87 -16.03 -16.42 -18.67
CA VAL B 87 -16.84 -17.39 -19.42
C VAL B 87 -15.94 -18.18 -20.39
N LYS B 88 -16.42 -19.34 -20.85
CA LYS B 88 -15.69 -20.12 -21.88
C LYS B 88 -15.69 -19.31 -23.17
N CYS B 89 -14.50 -19.10 -23.73
CA CYS B 89 -14.31 -18.18 -24.85
C CYS B 89 -15.30 -18.38 -26.00
N ASN B 90 -15.70 -19.65 -26.22
CA ASN B 90 -16.62 -20.01 -27.30
C ASN B 90 -18.05 -19.48 -27.14
N GLU B 91 -18.47 -19.24 -25.90
CA GLU B 91 -19.80 -18.69 -25.64
C GLU B 91 -19.80 -17.19 -25.30
N GLY B 92 -18.63 -16.56 -25.43
CA GLY B 92 -18.49 -15.11 -25.27
C GLY B 92 -19.27 -14.30 -26.30
N PRO B 93 -19.26 -14.73 -27.58
CA PRO B 93 -20.04 -14.01 -28.58
C PRO B 93 -21.53 -14.28 -28.53
N THR B 94 -21.94 -15.31 -27.78
CA THR B 94 -23.37 -15.65 -27.64
C THR B 94 -24.00 -14.94 -26.44
N LEU B 95 -23.28 -13.95 -25.91
CA LEU B 95 -23.69 -13.27 -24.69
C LEU B 95 -24.67 -12.14 -24.99
N PRO B 96 -25.69 -11.98 -24.12
CA PRO B 96 -26.76 -11.02 -24.29
C PRO B 96 -26.28 -9.62 -23.96
N ASP B 97 -26.99 -8.63 -24.47
CA ASP B 97 -26.72 -7.22 -24.18
C ASP B 97 -27.03 -6.88 -22.73
N ILE B 98 -26.29 -5.91 -22.19
CA ILE B 98 -26.54 -5.32 -20.88
C ILE B 98 -26.90 -3.86 -21.14
N SER B 99 -28.04 -3.42 -20.62
CA SER B 99 -28.56 -2.10 -20.89
C SER B 99 -28.68 -1.28 -19.62
N PHE B 100 -28.32 0.01 -19.71
CA PHE B 100 -28.37 0.95 -18.58
C PHE B 100 -29.41 2.05 -18.83
N HIS B 101 -30.28 2.28 -17.84
CA HIS B 101 -31.33 3.30 -17.97
C HIS B 101 -30.88 4.67 -17.43
N LEU B 102 -30.39 5.54 -18.30
CA LEU B 102 -29.86 6.84 -17.87
C LEU B 102 -30.54 8.02 -18.55
N GLY B 103 -31.23 8.83 -17.75
CA GLY B 103 -32.07 9.88 -18.28
C GLY B 103 -33.23 9.23 -19.02
N GLY B 104 -33.44 9.63 -20.26
CA GLY B 104 -34.53 9.09 -21.07
C GLY B 104 -34.15 8.02 -22.09
N LYS B 105 -33.00 7.39 -21.89
CA LYS B 105 -32.49 6.40 -22.83
C LYS B 105 -31.90 5.16 -22.19
N GLU B 106 -31.94 4.06 -22.95
CA GLU B 106 -31.23 2.86 -22.60
C GLU B 106 -29.87 2.95 -23.28
N TYR B 107 -28.84 2.68 -22.49
CA TYR B 107 -27.47 2.64 -22.98
C TYR B 107 -27.02 1.19 -23.13
N THR B 108 -26.91 0.74 -24.38
CA THR B 108 -26.72 -0.70 -24.66
C THR B 108 -25.28 -1.08 -24.98
N LEU B 109 -24.67 -1.84 -24.06
CA LEU B 109 -23.38 -2.49 -24.30
C LEU B 109 -23.62 -3.92 -24.77
N THR B 110 -22.94 -4.33 -25.84
CA THR B 110 -23.10 -5.69 -26.37
C THR B 110 -22.00 -6.62 -25.84
N SER B 111 -22.08 -7.90 -26.21
CA SER B 111 -21.04 -8.87 -25.90
C SER B 111 -19.66 -8.36 -26.27
N ALA B 112 -19.55 -7.79 -27.48
CA ALA B 112 -18.27 -7.24 -27.98
C ALA B 112 -17.73 -6.03 -27.18
N ASP B 113 -18.56 -5.40 -26.35
CA ASP B 113 -18.13 -4.21 -25.61
C ASP B 113 -17.66 -4.59 -24.20
N TYR B 114 -18.02 -5.77 -23.74
CA TYR B 114 -17.65 -6.17 -22.39
C TYR B 114 -16.93 -7.49 -22.19
N VAL B 115 -16.60 -8.20 -23.29
CA VAL B 115 -15.80 -9.44 -23.18
C VAL B 115 -14.47 -9.35 -23.92
N PHE B 116 -13.41 -9.73 -23.21
CA PHE B 116 -12.07 -9.87 -23.74
C PHE B 116 -11.96 -11.19 -24.49
N GLN B 117 -12.14 -11.09 -25.81
CA GLN B 117 -12.21 -12.23 -26.71
C GLN B 117 -10.82 -12.60 -27.21
N GLU B 118 -10.05 -13.29 -26.37
CA GLU B 118 -8.66 -13.61 -26.69
C GLU B 118 -8.55 -14.92 -27.47
N SER B 119 -9.61 -15.72 -27.36
CA SER B 119 -9.71 -17.00 -28.04
C SER B 119 -11.19 -17.30 -28.30
N TYR B 120 -11.46 -18.32 -29.12
CA TYR B 120 -12.82 -18.75 -29.39
C TYR B 120 -13.04 -20.20 -28.99
N SER B 121 -12.01 -20.81 -28.42
CA SER B 121 -12.00 -22.22 -28.10
C SER B 121 -12.80 -22.55 -26.84
N SER B 122 -13.37 -23.75 -26.82
CA SER B 122 -14.14 -24.27 -25.67
C SER B 122 -13.27 -24.57 -24.44
N LYS B 123 -11.96 -24.74 -24.66
CA LYS B 123 -11.02 -25.09 -23.58
C LYS B 123 -10.25 -23.89 -23.01
N LYS B 124 -10.77 -22.68 -23.25
CA LYS B 124 -10.16 -21.44 -22.76
C LYS B 124 -11.18 -20.56 -22.04
N LEU B 125 -10.69 -19.80 -21.06
CA LEU B 125 -11.51 -18.86 -20.32
C LEU B 125 -11.32 -17.43 -20.81
N CYS B 126 -12.42 -16.69 -20.90
CA CYS B 126 -12.32 -15.29 -21.31
C CYS B 126 -12.82 -14.33 -20.20
N THR B 127 -12.04 -13.28 -19.94
CA THR B 127 -12.34 -12.30 -18.88
C THR B 127 -13.37 -11.28 -19.38
N LEU B 128 -14.27 -10.89 -18.47
CA LEU B 128 -15.24 -9.82 -18.68
C LEU B 128 -14.70 -8.47 -18.14
N ALA B 129 -15.13 -7.37 -18.75
CA ALA B 129 -14.70 -6.02 -18.36
C ALA B 129 -15.66 -5.40 -17.32
N ILE B 130 -16.01 -6.20 -16.31
CA ILE B 130 -16.98 -5.84 -15.28
C ILE B 130 -16.60 -6.52 -13.97
N HIS B 131 -16.34 -5.73 -12.93
CA HIS B 131 -15.87 -6.28 -11.65
C HIS B 131 -16.70 -5.77 -10.46
N ALA B 132 -16.54 -6.39 -9.30
CA ALA B 132 -17.20 -5.94 -8.07
C ALA B 132 -16.40 -4.82 -7.42
N MET B 133 -17.10 -3.83 -6.86
CA MET B 133 -16.46 -2.78 -6.06
C MET B 133 -17.42 -2.16 -5.05
N ASP B 134 -17.19 -2.45 -3.77
CA ASP B 134 -17.97 -1.83 -2.72
C ASP B 134 -17.36 -0.46 -2.37
N ILE B 135 -18.17 0.58 -2.53
CA ILE B 135 -17.75 1.94 -2.30
C ILE B 135 -18.45 2.40 -1.03
N PRO B 136 -17.75 3.16 -0.16
CA PRO B 136 -18.34 3.61 1.09
C PRO B 136 -18.88 5.06 1.07
N PRO B 137 -19.85 5.38 1.95
CA PRO B 137 -20.52 6.68 2.09
C PRO B 137 -19.59 7.89 2.26
N PRO B 138 -20.05 9.09 1.82
CA PRO B 138 -21.36 9.34 1.23
C PRO B 138 -21.45 9.04 -0.27
N THR B 139 -20.32 8.85 -0.94
CA THR B 139 -20.32 8.54 -2.37
C THR B 139 -20.90 7.14 -2.64
N GLY B 140 -20.49 6.14 -1.85
CA GLY B 140 -21.04 4.77 -1.95
C GLY B 140 -22.26 4.55 -1.07
N PRO B 141 -23.04 3.45 -1.31
CA PRO B 141 -22.88 2.44 -2.35
C PRO B 141 -23.40 2.94 -3.69
N THR B 142 -22.73 2.56 -4.76
CA THR B 142 -22.99 3.08 -6.11
C THR B 142 -22.49 2.10 -7.17
N TRP B 143 -23.00 2.29 -8.39
CA TRP B 143 -22.37 1.74 -9.57
C TRP B 143 -21.27 2.72 -9.94
N ALA B 144 -20.34 2.25 -10.77
CA ALA B 144 -19.32 3.12 -11.31
C ALA B 144 -19.08 2.72 -12.76
N LEU B 145 -19.09 3.71 -13.64
CA LEU B 145 -18.95 3.50 -15.07
C LEU B 145 -17.58 3.98 -15.55
N GLY B 146 -16.64 3.05 -15.70
CA GLY B 146 -15.29 3.38 -16.12
C GLY B 146 -15.06 3.26 -17.61
N ALA B 147 -13.87 2.78 -17.96
CA ALA B 147 -13.41 2.80 -19.37
C ALA B 147 -14.34 2.01 -20.29
N THR B 148 -14.76 0.83 -19.83
CA THR B 148 -15.69 -0.05 -20.55
C THR B 148 -16.84 0.76 -21.14
N PHE B 149 -17.49 1.52 -20.28
CA PHE B 149 -18.61 2.36 -20.68
C PHE B 149 -18.19 3.54 -21.56
N ILE B 150 -17.07 4.20 -21.22
CA ILE B 150 -16.64 5.41 -21.92
C ILE B 150 -16.15 5.13 -23.36
N ARG B 151 -15.68 3.91 -23.61
CA ARG B 151 -15.36 3.48 -24.99
C ARG B 151 -16.52 3.57 -25.99
N LYS B 152 -17.73 3.24 -25.53
CA LYS B 152 -18.91 3.21 -26.38
C LYS B 152 -19.65 4.55 -26.43
N PHE B 153 -19.60 5.28 -25.32
CA PHE B 153 -20.23 6.60 -25.22
C PHE B 153 -19.25 7.71 -24.87
N TYR B 154 -19.05 8.63 -25.83
CA TYR B 154 -18.25 9.84 -25.67
C TYR B 154 -18.88 10.73 -24.62
N THR B 155 -18.09 11.29 -23.72
CA THR B 155 -18.65 11.89 -22.49
C THR B 155 -18.23 13.33 -22.20
N GLU B 156 -19.21 14.20 -22.06
CA GLU B 156 -18.97 15.60 -21.71
C GLU B 156 -19.33 15.83 -20.25
N PHE B 157 -18.37 16.41 -19.51
CA PHE B 157 -18.54 16.81 -18.11
C PHE B 157 -18.69 18.34 -18.04
N ASP B 158 -19.90 18.78 -17.77
CA ASP B 158 -20.25 20.18 -17.90
C ASP B 158 -20.46 20.80 -16.53
N ARG B 159 -19.51 21.65 -16.11
CA ARG B 159 -19.50 22.28 -14.77
C ARG B 159 -20.37 23.52 -14.62
N ARG B 160 -20.72 24.14 -15.75
CA ARG B 160 -21.56 25.34 -15.75
C ARG B 160 -23.02 24.97 -15.40
N ASN B 161 -23.45 23.82 -15.90
CA ASN B 161 -24.80 23.32 -15.67
C ASN B 161 -24.85 22.05 -14.80
N ASN B 162 -23.75 21.72 -14.12
CA ASN B 162 -23.71 20.51 -13.29
C ASN B 162 -24.47 19.32 -13.90
N ARG B 163 -24.07 18.96 -15.12
CA ARG B 163 -24.71 17.87 -15.86
C ARG B 163 -23.66 17.10 -16.66
N ILE B 164 -23.96 15.84 -16.96
CA ILE B 164 -23.08 15.00 -17.78
C ILE B 164 -23.78 14.69 -19.12
N GLY B 165 -23.01 14.65 -20.20
CA GLY B 165 -23.56 14.56 -21.56
C GLY B 165 -23.05 13.33 -22.29
N PHE B 166 -23.97 12.61 -22.97
CA PHE B 166 -23.61 11.39 -23.69
C PHE B 166 -23.89 11.42 -25.17
N ALA B 167 -23.03 10.73 -25.92
CA ALA B 167 -23.20 10.57 -27.35
C ALA B 167 -22.51 9.27 -27.75
N LEU B 168 -23.02 8.62 -28.78
CA LEU B 168 -22.40 7.42 -29.30
C LEU B 168 -21.04 7.79 -29.90
N ALA B 169 -19.99 7.11 -29.47
CA ALA B 169 -18.61 7.29 -29.99
C ALA B 169 -18.40 6.72 -31.39
N ARG B 170 -17.57 7.42 -32.19
CA ARG B 170 -17.11 6.96 -33.51
C ARG B 170 -15.70 6.41 -33.44
N HIS B 171 -15.42 5.35 -34.16
CA HIS B 171 -14.05 4.84 -34.20
C HIS B 171 -13.47 4.79 -35.62
N LEU C 1 41.75 -9.65 9.95
CA LEU C 1 42.31 -9.16 11.24
C LEU C 1 41.47 -7.97 11.76
N THR C 2 41.28 -7.92 13.08
CA THR C 2 40.68 -6.75 13.75
C THR C 2 41.44 -6.35 15.02
N LEU C 3 41.28 -5.09 15.42
CA LEU C 3 41.88 -4.59 16.66
C LEU C 3 40.85 -4.42 17.79
N GLY C 4 39.72 -5.09 17.66
CA GLY C 4 38.68 -5.08 18.70
C GLY C 4 37.88 -3.79 18.74
N ASN C 5 37.74 -3.14 17.59
CA ASN C 5 36.97 -1.91 17.52
C ASN C 5 36.13 -1.74 16.24
N THR C 6 35.82 -2.87 15.57
CA THR C 6 35.05 -2.87 14.32
C THR C 6 33.58 -3.19 14.57
N THR C 7 32.73 -2.31 14.02
CA THR C 7 31.27 -2.53 13.96
C THR C 7 30.82 -2.35 12.50
N SER C 8 29.70 -2.98 12.16
CA SER C 8 29.03 -2.78 10.86
C SER C 8 27.65 -2.20 11.11
N SER C 9 27.02 -1.65 10.06
CA SER C 9 25.74 -0.97 10.21
C SER C 9 24.86 -1.07 8.98
N VAL C 10 23.56 -1.23 9.22
CA VAL C 10 22.60 -1.47 8.13
C VAL C 10 21.48 -0.45 8.26
N ILE C 11 21.06 0.10 7.11
CA ILE C 11 20.09 1.20 7.05
C ILE C 11 18.72 0.69 6.63
N LEU C 12 17.69 1.06 7.37
CA LEU C 12 16.34 0.55 7.13
C LEU C 12 15.45 1.64 6.53
N THR C 13 14.48 1.24 5.73
CA THR C 13 13.47 2.17 5.28
C THR C 13 12.26 1.92 6.16
N ASN C 14 11.52 2.98 6.45
CA ASN C 14 10.30 2.95 7.25
C ASN C 14 9.12 3.12 6.29
N TYR C 15 8.28 2.09 6.21
CA TYR C 15 7.01 2.18 5.51
C TYR C 15 5.79 2.30 6.44
N MET C 16 5.33 3.54 6.63
CA MET C 16 4.07 3.86 7.32
C MET C 16 3.97 3.38 8.78
N ASP C 17 5.10 3.41 9.48
CA ASP C 17 5.22 3.05 10.90
C ASP C 17 4.84 1.60 11.15
N THR C 18 4.88 0.78 10.10
CA THR C 18 4.41 -0.60 10.19
C THR C 18 5.37 -1.58 9.55
N GLN C 19 6.27 -1.09 8.72
CA GLN C 19 7.23 -1.96 8.04
C GLN C 19 8.62 -1.33 8.04
N TYR C 20 9.59 -2.08 8.55
CA TYR C 20 11.00 -1.64 8.59
C TYR C 20 11.92 -2.73 8.03
N TYR C 21 12.61 -2.41 6.93
CA TYR C 21 13.38 -3.41 6.16
C TYR C 21 14.61 -2.78 5.51
N GLY C 22 15.60 -3.60 5.17
CA GLY C 22 16.80 -3.12 4.48
C GLY C 22 17.26 -4.11 3.43
N GLU C 23 18.43 -3.86 2.84
CA GLU C 23 18.94 -4.77 1.82
C GLU C 23 20.12 -5.65 2.26
N ILE C 24 20.08 -6.91 1.80
CA ILE C 24 21.17 -7.84 1.91
C ILE C 24 21.48 -8.35 0.50
N GLY C 25 22.65 -8.97 0.33
CA GLY C 25 23.06 -9.51 -0.96
C GLY C 25 23.22 -11.01 -0.87
N ILE C 26 22.86 -11.72 -1.93
CA ILE C 26 23.01 -13.18 -1.95
C ILE C 26 23.60 -13.66 -3.26
N GLY C 27 24.71 -14.40 -3.14
CA GLY C 27 25.40 -15.01 -4.26
C GLY C 27 26.55 -14.19 -4.82
N THR C 28 27.27 -14.77 -5.78
CA THR C 28 28.32 -14.07 -6.54
C THR C 28 27.92 -14.02 -8.02
N PRO C 29 27.63 -12.81 -8.55
CA PRO C 29 27.60 -11.53 -7.85
C PRO C 29 26.34 -11.40 -6.98
N PRO C 30 26.32 -10.44 -6.04
CA PRO C 30 25.13 -10.29 -5.21
C PRO C 30 23.85 -10.15 -6.02
N GLN C 31 22.82 -10.88 -5.61
CA GLN C 31 21.44 -10.57 -5.97
C GLN C 31 20.80 -9.92 -4.72
N THR C 32 19.93 -8.92 -4.91
CA THR C 32 19.47 -8.05 -3.82
C THR C 32 18.03 -8.31 -3.34
N PHE C 33 17.83 -8.36 -2.02
CA PHE C 33 16.50 -8.63 -1.41
C PHE C 33 16.23 -7.80 -0.16
N LYS C 34 15.29 -6.86 -0.27
CA LYS C 34 14.91 -6.05 0.87
C LYS C 34 14.29 -6.97 1.92
N VAL C 35 14.76 -6.91 3.15
CA VAL C 35 14.29 -7.87 4.15
C VAL C 35 14.07 -7.26 5.53
N VAL C 36 13.20 -7.90 6.29
CA VAL C 36 12.99 -7.61 7.69
C VAL C 36 13.97 -8.42 8.55
N PHE C 37 14.56 -7.75 9.54
CA PHE C 37 15.42 -8.39 10.54
C PHE C 37 14.53 -8.57 11.73
N ASP C 38 14.46 -9.82 12.20
CA ASP C 38 13.38 -10.30 13.09
C ASP C 38 13.92 -11.05 14.31
N THR C 39 13.91 -10.43 15.47
CA THR C 39 14.35 -11.11 16.68
C THR C 39 13.41 -12.27 17.09
N GLY C 40 12.29 -12.43 16.39
CA GLY C 40 11.37 -13.53 16.69
C GLY C 40 11.44 -14.79 15.82
N SER C 41 12.41 -14.85 14.92
CA SER C 41 12.64 -16.07 14.13
C SER C 41 14.12 -16.25 13.83
N SER C 42 14.51 -17.46 13.41
CA SER C 42 15.94 -17.78 13.40
C SER C 42 16.44 -18.21 12.04
N ASN C 43 15.56 -18.21 11.04
CA ASN C 43 15.89 -18.69 9.69
C ASN C 43 15.92 -17.59 8.64
N VAL C 44 16.72 -17.80 7.59
CA VAL C 44 16.78 -16.90 6.44
C VAL C 44 15.92 -17.49 5.34
N TRP C 45 14.84 -16.80 4.98
CA TRP C 45 13.99 -17.17 3.86
C TRP C 45 14.04 -16.10 2.76
N VAL C 46 14.10 -16.56 1.50
CA VAL C 46 13.80 -15.74 0.32
C VAL C 46 13.03 -16.54 -0.74
N PRO C 47 12.19 -15.87 -1.55
CA PRO C 47 11.48 -16.57 -2.62
C PRO C 47 12.42 -17.11 -3.72
N SER C 48 12.08 -18.26 -4.30
CA SER C 48 12.91 -18.91 -5.30
C SER C 48 12.37 -18.78 -6.73
N SER C 49 13.29 -18.74 -7.70
CA SER C 49 12.88 -18.66 -9.10
C SER C 49 12.16 -19.94 -9.57
N LYS C 50 12.20 -21.00 -8.74
CA LYS C 50 11.47 -22.24 -8.99
C LYS C 50 10.10 -22.20 -8.31
N CYS C 51 9.81 -21.08 -7.66
CA CYS C 51 8.47 -20.83 -7.17
C CYS C 51 7.52 -20.80 -8.37
N SER C 52 6.25 -21.06 -8.09
CA SER C 52 5.29 -21.26 -9.13
C SER C 52 4.44 -20.01 -9.34
N ARG C 53 4.00 -19.82 -10.58
CA ARG C 53 3.19 -18.65 -10.94
C ARG C 53 1.75 -18.75 -10.44
N LEU C 54 1.40 -19.92 -9.90
CA LEU C 54 0.12 -20.15 -9.21
C LEU C 54 0.04 -19.36 -7.90
N TYR C 55 1.20 -19.11 -7.29
CA TYR C 55 1.27 -18.36 -6.04
C TYR C 55 1.50 -16.87 -6.32
N THR C 56 0.51 -16.08 -5.94
CA THR C 56 0.46 -14.67 -6.29
C THR C 56 1.58 -13.88 -5.60
N ALA C 57 1.89 -14.28 -4.37
CA ALA C 57 2.96 -13.68 -3.58
C ALA C 57 4.36 -13.84 -4.21
N CYS C 58 4.51 -14.80 -5.11
CA CYS C 58 5.80 -15.06 -5.79
C CYS C 58 6.03 -14.21 -7.04
N VAL C 59 4.96 -13.92 -7.79
CA VAL C 59 5.10 -13.13 -9.02
C VAL C 59 5.55 -11.68 -8.73
N TYR C 60 5.07 -11.11 -7.63
CA TYR C 60 5.27 -9.69 -7.36
C TYR C 60 6.51 -9.32 -6.53
N HIS C 61 7.23 -10.32 -6.02
CA HIS C 61 8.48 -10.09 -5.29
C HIS C 61 9.69 -10.56 -6.10
N LYS C 62 10.87 -10.48 -5.47
CA LYS C 62 12.15 -10.78 -6.08
C LYS C 62 12.57 -12.22 -5.79
N LEU C 63 13.15 -12.88 -6.79
CA LEU C 63 13.37 -14.33 -6.71
C LEU C 63 14.85 -14.63 -6.83
N PHE C 64 15.32 -15.58 -6.02
CA PHE C 64 16.73 -16.00 -6.05
C PHE C 64 17.00 -17.07 -7.12
N ASP C 65 17.91 -16.74 -8.03
CA ASP C 65 18.21 -17.58 -9.19
C ASP C 65 19.48 -18.39 -8.94
N ALA C 66 19.34 -19.61 -8.43
CA ALA C 66 20.50 -20.42 -8.06
C ALA C 66 21.54 -20.53 -9.18
N SER C 67 21.06 -20.65 -10.42
CA SER C 67 21.98 -20.84 -11.56
C SER C 67 22.91 -19.63 -11.79
N ASP C 68 22.44 -18.42 -11.53
CA ASP C 68 23.27 -17.21 -11.76
C ASP C 68 24.35 -16.91 -10.71
N SER C 69 24.58 -17.84 -9.79
CA SER C 69 25.54 -17.64 -8.71
C SER C 69 26.72 -18.60 -8.80
N SER C 70 27.89 -18.07 -9.14
CA SER C 70 29.11 -18.87 -9.25
C SER C 70 29.59 -19.50 -7.92
N SER C 71 29.05 -19.03 -6.79
CA SER C 71 29.44 -19.56 -5.48
C SER C 71 28.43 -20.50 -4.83
N TYR C 72 27.36 -20.82 -5.57
CA TYR C 72 26.22 -21.55 -5.04
C TYR C 72 26.50 -23.04 -4.75
N LYS C 73 25.71 -23.63 -3.87
CA LYS C 73 25.80 -25.04 -3.49
C LYS C 73 24.43 -25.63 -3.22
N HIS C 74 24.12 -26.76 -3.83
CA HIS C 74 22.84 -27.41 -3.57
C HIS C 74 22.88 -28.23 -2.28
N ASN C 75 21.73 -28.27 -1.62
CA ASN C 75 21.49 -29.14 -0.50
C ASN C 75 20.22 -29.89 -0.90
N GLY C 76 19.10 -29.17 -0.92
CA GLY C 76 17.84 -29.73 -1.38
C GLY C 76 16.85 -30.07 -0.27
N THR C 77 17.38 -30.54 0.86
CA THR C 77 16.57 -30.80 2.05
C THR C 77 15.36 -29.85 2.10
N GLU C 78 14.16 -30.43 2.01
CA GLU C 78 12.92 -29.65 2.01
C GLU C 78 12.71 -29.06 3.40
N LEU C 79 11.92 -27.97 3.45
CA LEU C 79 11.70 -27.20 4.67
C LEU C 79 10.24 -26.83 4.81
N THR C 80 9.73 -26.84 6.04
CA THR C 80 8.30 -26.67 6.25
C THR C 80 8.02 -25.68 7.36
N LEU C 81 7.18 -24.70 7.08
CA LEU C 81 6.71 -23.76 8.10
C LEU C 81 5.17 -23.78 8.13
N ARG C 82 4.62 -24.24 9.25
CA ARG C 82 3.17 -24.33 9.43
C ARG C 82 2.64 -22.99 9.95
N TYR C 83 2.30 -22.09 9.03
CA TYR C 83 1.98 -20.71 9.40
C TYR C 83 0.47 -20.47 9.54
N SER C 84 0.08 -19.44 10.29
CA SER C 84 -1.34 -19.09 10.48
C SER C 84 -2.20 -19.35 9.24
N THR C 85 -2.11 -18.47 8.23
CA THR C 85 -2.97 -18.54 7.01
C THR C 85 -2.80 -19.80 6.14
N GLY C 86 -1.60 -20.39 6.10
CA GLY C 86 -1.33 -21.57 5.27
C GLY C 86 0.03 -22.23 5.48
N THR C 87 0.42 -23.05 4.51
CA THR C 87 1.71 -23.74 4.51
C THR C 87 2.80 -22.92 3.80
N VAL C 88 3.89 -22.69 4.52
CA VAL C 88 5.10 -22.18 3.90
C VAL C 88 6.04 -23.35 3.69
N SER C 89 6.64 -23.41 2.52
CA SER C 89 7.40 -24.57 2.09
C SER C 89 8.51 -24.13 1.17
N GLY C 90 9.63 -24.85 1.21
CA GLY C 90 10.79 -24.55 0.37
C GLY C 90 11.85 -25.60 0.56
N PHE C 91 13.02 -25.39 -0.05
CA PHE C 91 14.18 -26.27 0.12
C PHE C 91 15.45 -25.53 0.63
N LEU C 92 16.42 -26.31 1.12
CA LEU C 92 17.61 -25.74 1.73
C LEU C 92 18.66 -25.39 0.68
N SER C 93 19.38 -24.30 0.92
CA SER C 93 20.40 -23.85 -0.01
C SER C 93 21.57 -23.28 0.77
N GLN C 94 22.70 -23.13 0.06
CA GLN C 94 23.88 -22.56 0.67
C GLN C 94 24.55 -21.59 -0.30
N ASP C 95 24.78 -20.37 0.19
CA ASP C 95 25.44 -19.36 -0.59
C ASP C 95 26.01 -18.25 0.30
N ILE C 96 26.89 -17.44 -0.28
CA ILE C 96 27.47 -16.30 0.42
C ILE C 96 26.46 -15.16 0.51
N ILE C 97 26.26 -14.67 1.73
CA ILE C 97 25.41 -13.52 1.99
C ILE C 97 26.22 -12.33 2.50
N THR C 98 25.89 -11.16 1.95
CA THR C 98 26.50 -9.92 2.34
C THR C 98 25.51 -9.07 3.14
N VAL C 99 25.87 -8.78 4.38
CA VAL C 99 25.07 -7.93 5.28
C VAL C 99 25.96 -6.79 5.78
N GLY C 100 25.61 -5.56 5.39
CA GLY C 100 26.42 -4.38 5.74
C GLY C 100 27.94 -4.55 5.61
N GLY C 101 28.39 -5.09 4.49
CA GLY C 101 29.83 -5.22 4.20
C GLY C 101 30.47 -6.53 4.63
N ILE C 102 29.89 -7.16 5.65
CA ILE C 102 30.33 -8.46 6.13
C ILE C 102 29.83 -9.50 5.15
N THR C 103 30.64 -10.55 4.93
CA THR C 103 30.26 -11.69 4.12
C THR C 103 30.27 -12.98 4.94
N VAL C 104 29.23 -13.81 4.77
CA VAL C 104 29.08 -15.09 5.49
C VAL C 104 28.63 -16.22 4.56
N THR C 105 29.28 -17.38 4.65
CA THR C 105 28.78 -18.58 4.02
C THR C 105 27.59 -19.10 4.83
N GLN C 106 26.39 -18.89 4.32
CA GLN C 106 25.20 -19.13 5.11
C GLN C 106 24.23 -20.13 4.43
N MET C 107 23.60 -20.97 5.26
CA MET C 107 22.51 -21.83 4.82
C MET C 107 21.21 -21.03 4.91
N PHE C 108 20.34 -21.19 3.93
CA PHE C 108 19.07 -20.45 3.85
C PHE C 108 17.99 -21.18 3.06
N GLY C 109 16.73 -20.92 3.41
CA GLY C 109 15.60 -21.53 2.72
C GLY C 109 15.11 -20.75 1.51
N GLU C 110 15.00 -21.45 0.38
CA GLU C 110 14.39 -20.92 -0.85
C GLU C 110 12.94 -21.35 -0.89
N VAL C 111 12.04 -20.37 -0.86
CA VAL C 111 10.60 -20.63 -0.73
C VAL C 111 9.94 -20.85 -2.09
N THR C 112 9.14 -21.92 -2.19
CA THR C 112 8.48 -22.28 -3.44
C THR C 112 6.95 -22.27 -3.36
N GLU C 113 6.42 -22.36 -2.13
CA GLU C 113 4.97 -22.31 -1.88
C GLU C 113 4.67 -21.46 -0.65
N MET C 114 3.77 -20.49 -0.83
CA MET C 114 3.32 -19.65 0.29
C MET C 114 1.91 -19.08 0.03
N PRO C 115 1.12 -18.89 1.12
CA PRO C 115 -0.23 -18.32 1.02
C PRO C 115 -0.23 -16.89 0.46
N ALA C 116 -1.37 -16.45 -0.06
CA ALA C 116 -1.45 -15.13 -0.69
C ALA C 116 -1.23 -14.03 0.34
N LEU C 117 -2.08 -14.00 1.35
CA LEU C 117 -1.98 -13.06 2.44
C LEU C 117 -1.42 -13.76 3.68
N PRO C 118 -0.62 -13.04 4.49
CA PRO C 118 -0.34 -11.60 4.39
C PRO C 118 0.79 -11.28 3.41
N PHE C 119 1.42 -12.34 2.89
CA PHE C 119 2.72 -12.26 2.25
C PHE C 119 2.80 -11.45 0.95
N MET C 120 1.67 -11.25 0.28
CA MET C 120 1.72 -10.53 -0.98
C MET C 120 1.72 -9.01 -0.76
N LEU C 121 1.31 -8.59 0.43
CA LEU C 121 1.14 -7.17 0.75
C LEU C 121 2.31 -6.58 1.53
N ALA C 122 3.36 -7.37 1.71
CA ALA C 122 4.54 -6.89 2.39
C ALA C 122 5.43 -6.19 1.36
N GLU C 123 6.00 -5.04 1.73
CA GLU C 123 6.92 -4.32 0.84
C GLU C 123 8.33 -4.94 0.73
N PHE C 124 8.63 -5.92 1.58
CA PHE C 124 9.91 -6.60 1.54
C PHE C 124 9.81 -7.94 0.82
N ASP C 125 10.97 -8.50 0.47
CA ASP C 125 11.12 -9.76 -0.25
C ASP C 125 11.36 -10.98 0.68
N GLY C 126 12.12 -10.81 1.78
CA GLY C 126 12.45 -11.91 2.70
C GLY C 126 12.62 -11.58 4.19
N VAL C 127 13.16 -12.52 4.94
CA VAL C 127 13.38 -12.34 6.37
C VAL C 127 14.76 -12.87 6.77
N VAL C 128 15.48 -12.09 7.57
CA VAL C 128 16.75 -12.50 8.21
C VAL C 128 16.45 -12.73 9.69
N GLY C 129 16.33 -13.99 10.10
CA GLY C 129 16.07 -14.32 11.49
C GLY C 129 17.25 -13.93 12.38
N MET C 130 16.98 -13.24 13.50
CA MET C 130 17.99 -12.76 14.45
C MET C 130 17.90 -13.44 15.82
N GLY C 131 17.24 -14.59 15.85
CA GLY C 131 17.04 -15.32 17.10
C GLY C 131 18.01 -16.46 17.33
N PHE C 132 17.78 -17.20 18.41
CA PHE C 132 18.67 -18.30 18.80
C PHE C 132 18.41 -19.55 17.96
N ILE C 133 19.34 -20.50 18.00
CA ILE C 133 19.28 -21.67 17.15
C ILE C 133 18.26 -22.73 17.61
N GLU C 134 17.83 -22.65 18.88
CA GLU C 134 16.81 -23.52 19.46
C GLU C 134 15.51 -23.43 18.66
N GLN C 135 15.34 -22.29 17.99
CA GLN C 135 14.15 -22.02 17.22
C GLN C 135 14.44 -22.01 15.72
N ALA C 136 15.54 -22.62 15.30
CA ALA C 136 15.82 -22.68 13.87
C ALA C 136 15.22 -23.94 13.25
N ILE C 137 14.33 -23.74 12.26
CA ILE C 137 13.80 -24.84 11.45
C ILE C 137 14.94 -25.56 10.72
N GLY C 138 14.90 -26.89 10.76
CA GLY C 138 15.90 -27.74 10.13
C GLY C 138 17.17 -27.79 10.96
N ARG C 139 17.12 -27.14 12.12
CA ARG C 139 18.28 -27.01 13.01
C ARG C 139 19.43 -26.17 12.41
N VAL C 140 19.12 -25.21 11.55
CA VAL C 140 20.20 -24.48 10.88
C VAL C 140 20.81 -23.34 11.73
N THR C 141 22.10 -23.15 11.57
CA THR C 141 22.82 -22.09 12.29
C THR C 141 22.41 -20.72 11.75
N PRO C 142 21.83 -19.86 12.62
CA PRO C 142 21.37 -18.55 12.18
C PRO C 142 22.54 -17.62 11.89
N ILE C 143 22.27 -16.56 11.14
CA ILE C 143 23.32 -15.74 10.56
C ILE C 143 24.19 -15.00 11.59
N PHE C 144 23.59 -14.46 12.64
CA PHE C 144 24.38 -13.76 13.64
C PHE C 144 25.40 -14.71 14.27
N ASP C 145 24.95 -15.92 14.61
CA ASP C 145 25.83 -16.97 15.10
C ASP C 145 27.10 -17.15 14.25
N ASN C 146 26.96 -17.19 12.94
CA ASN C 146 28.11 -17.35 12.03
C ASN C 146 28.94 -16.08 11.87
N ILE C 147 28.34 -14.92 12.10
CA ILE C 147 29.13 -13.68 12.11
C ILE C 147 29.97 -13.57 13.39
N ILE C 148 29.41 -13.99 14.53
CA ILE C 148 30.16 -14.10 15.79
C ILE C 148 31.38 -15.02 15.62
N SER C 149 31.20 -16.17 14.96
CA SER C 149 32.29 -17.12 14.74
C SER C 149 33.50 -16.53 13.98
N GLN C 150 33.24 -15.58 13.08
CA GLN C 150 34.31 -14.87 12.38
C GLN C 150 35.24 -14.08 13.31
N GLY C 151 34.77 -13.78 14.52
CA GLY C 151 35.56 -13.02 15.50
C GLY C 151 35.99 -11.61 15.09
N VAL C 152 35.14 -10.94 14.30
CA VAL C 152 35.44 -9.61 13.73
C VAL C 152 34.81 -8.43 14.50
N LEU C 153 33.71 -8.70 15.19
CA LEU C 153 32.93 -7.65 15.84
C LEU C 153 33.52 -7.22 17.18
N LYS C 154 33.30 -5.96 17.55
CA LYS C 154 33.70 -5.43 18.87
C LYS C 154 33.07 -6.17 20.06
N GLU C 155 31.79 -6.54 19.94
CA GLU C 155 31.06 -7.27 20.98
C GLU C 155 30.06 -8.18 20.33
N ASP C 156 29.57 -9.18 21.08
CA ASP C 156 28.41 -9.99 20.66
C ASP C 156 27.08 -9.25 20.87
N VAL C 157 26.98 -8.00 20.38
CA VAL C 157 25.74 -7.25 20.48
C VAL C 157 25.27 -6.77 19.10
N PHE C 158 23.96 -6.51 18.98
CA PHE C 158 23.41 -5.83 17.81
C PHE C 158 22.25 -4.94 18.29
N SER C 159 21.99 -3.86 17.56
CA SER C 159 21.16 -2.74 18.02
C SER C 159 20.04 -2.38 17.05
N PHE C 160 18.90 -1.96 17.57
CA PHE C 160 17.78 -1.52 16.72
C PHE C 160 17.34 -0.06 16.98
N TYR C 161 17.39 0.74 15.92
CA TYR C 161 16.78 2.06 15.91
C TYR C 161 15.69 2.13 14.83
N TYR C 162 14.46 2.41 15.27
CA TYR C 162 13.31 2.62 14.39
C TYR C 162 12.83 4.06 14.54
N ASN C 163 12.81 4.81 13.46
CA ASN C 163 12.41 6.22 13.51
C ASN C 163 10.88 6.34 13.41
N ARG C 164 10.34 7.52 13.69
CA ARG C 164 8.96 7.84 13.39
C ARG C 164 8.87 8.35 11.96
N ASP C 165 7.83 7.91 11.24
CA ASP C 165 7.72 8.11 9.79
C ASP C 165 8.03 9.52 9.22
N SER C 166 8.73 9.53 8.09
CA SER C 166 9.06 10.73 7.31
C SER C 166 9.64 11.86 8.15
N SER D 1 16.85 12.41 6.75
CA SER D 1 15.91 11.69 7.63
C SER D 1 16.04 10.20 7.42
N LEU D 2 16.43 9.49 8.48
CA LEU D 2 16.67 8.07 8.40
C LEU D 2 15.45 7.29 8.89
N GLY D 3 15.13 6.18 8.23
CA GLY D 3 14.01 5.36 8.65
C GLY D 3 14.36 4.49 9.85
N GLY D 4 15.60 4.01 9.86
CA GLY D 4 16.04 3.08 10.87
C GLY D 4 17.49 2.74 10.71
N GLN D 5 18.01 1.95 11.65
CA GLN D 5 19.38 1.48 11.60
C GLN D 5 19.62 0.34 12.59
N ILE D 6 20.40 -0.62 12.15
CA ILE D 6 20.84 -1.74 12.94
C ILE D 6 22.35 -1.66 13.02
N VAL D 7 22.88 -1.72 14.23
CA VAL D 7 24.34 -1.83 14.40
C VAL D 7 24.66 -3.23 14.86
N LEU D 8 25.63 -3.85 14.21
CA LEU D 8 26.13 -5.16 14.59
C LEU D 8 27.46 -4.94 15.29
N GLY D 9 27.57 -5.52 16.49
CA GLY D 9 28.76 -5.38 17.35
C GLY D 9 28.88 -4.02 18.01
N GLY D 10 27.76 -3.45 18.44
CA GLY D 10 27.75 -2.14 19.07
C GLY D 10 26.41 -1.41 19.07
N SER D 11 26.46 -0.12 19.41
N SER D 11 26.48 -0.12 19.41
CA SER D 11 25.30 0.74 19.42
CA SER D 11 25.33 0.76 19.44
C SER D 11 25.76 2.13 19.01
C SER D 11 25.79 2.08 18.85
N ASP D 12 24.86 2.94 18.47
CA ASP D 12 25.20 4.27 17.94
C ASP D 12 24.59 5.35 18.84
N PRO D 13 25.43 6.17 19.50
CA PRO D 13 24.93 7.18 20.44
C PRO D 13 24.36 8.44 19.81
N GLN D 14 24.54 8.63 18.51
CA GLN D 14 23.75 9.61 17.75
C GLN D 14 22.25 9.44 17.98
N HIS D 15 21.82 8.18 18.12
CA HIS D 15 20.41 7.85 18.02
C HIS D 15 19.75 7.47 19.34
N TYR D 16 20.49 7.55 20.44
CA TYR D 16 19.89 7.44 21.77
C TYR D 16 20.40 8.53 22.73
N GLU D 17 19.75 8.66 23.89
CA GLU D 17 20.21 9.57 24.91
C GLU D 17 20.22 8.96 26.31
N GLY D 18 21.15 9.44 27.12
CA GLY D 18 21.37 8.92 28.46
C GLY D 18 22.00 7.55 28.40
N ASN D 19 21.56 6.67 29.29
CA ASN D 19 22.21 5.39 29.53
C ASN D 19 21.31 4.18 29.32
N PHE D 20 21.94 3.02 29.18
CA PHE D 20 21.23 1.77 29.01
C PHE D 20 20.94 1.13 30.35
N HIS D 21 19.69 0.77 30.58
N HIS D 21 19.69 0.74 30.55
CA HIS D 21 19.38 -0.18 31.64
CA HIS D 21 19.33 -0.16 31.64
C HIS D 21 19.08 -1.49 30.94
C HIS D 21 19.02 -1.50 30.98
N TYR D 22 19.49 -2.58 31.57
CA TYR D 22 19.40 -3.92 30.98
C TYR D 22 18.51 -4.86 31.79
N ILE D 23 17.74 -5.70 31.08
CA ILE D 23 16.93 -6.75 31.70
C ILE D 23 17.43 -8.11 31.21
N ASN D 24 17.61 -9.04 32.14
CA ASN D 24 18.06 -10.38 31.78
C ASN D 24 16.93 -11.25 31.22
N LEU D 25 17.27 -12.11 30.26
CA LEU D 25 16.35 -13.11 29.70
C LEU D 25 16.01 -14.16 30.73
N ILE D 26 14.82 -14.76 30.58
CA ILE D 26 14.36 -15.83 31.46
C ILE D 26 15.22 -17.08 31.28
N LYS D 27 15.25 -17.58 30.05
CA LYS D 27 16.18 -18.63 29.62
C LYS D 27 16.68 -18.33 28.20
N THR D 28 17.87 -18.81 27.88
CA THR D 28 18.41 -18.59 26.53
C THR D 28 17.65 -19.47 25.53
N GLY D 29 17.63 -19.04 24.27
CA GLY D 29 16.86 -19.72 23.24
C GLY D 29 15.82 -18.82 22.63
N VAL D 30 15.44 -17.77 23.36
CA VAL D 30 14.39 -16.84 22.94
C VAL D 30 14.66 -15.45 23.53
N TRP D 31 14.27 -14.39 22.81
CA TRP D 31 14.45 -13.02 23.30
C TRP D 31 13.27 -12.57 24.15
N GLN D 32 13.22 -13.05 25.39
CA GLN D 32 12.04 -12.88 26.24
C GLN D 32 12.37 -12.60 27.72
N ILE D 33 11.67 -11.62 28.29
CA ILE D 33 11.98 -11.08 29.62
C ILE D 33 10.73 -10.97 30.49
N GLN D 34 10.90 -10.98 31.82
CA GLN D 34 9.81 -10.80 32.77
C GLN D 34 9.26 -9.39 32.73
N MET D 35 7.97 -9.27 33.05
CA MET D 35 7.30 -7.99 33.22
C MET D 35 6.52 -8.02 34.54
N LYS D 36 6.58 -6.93 35.30
CA LYS D 36 5.92 -6.87 36.61
C LYS D 36 4.75 -5.90 36.66
N GLY D 37 4.05 -5.71 35.53
CA GLY D 37 2.85 -4.89 35.53
C GLY D 37 2.73 -3.91 34.39
N VAL D 38 1.48 -3.74 33.96
CA VAL D 38 1.12 -2.74 32.97
C VAL D 38 0.26 -1.71 33.69
N SER D 39 0.51 -0.42 33.41
CA SER D 39 -0.18 0.65 34.11
C SER D 39 -0.86 1.63 33.17
N VAL D 40 -2.10 1.95 33.49
CA VAL D 40 -2.83 2.98 32.73
C VAL D 40 -2.89 4.22 33.63
N GLY D 41 -2.25 5.30 33.19
CA GLY D 41 -2.12 6.51 33.99
C GLY D 41 -1.49 6.19 35.33
N SER D 42 -2.11 6.66 36.41
CA SER D 42 -1.69 6.26 37.76
C SER D 42 -2.55 5.06 38.20
N SER D 43 -1.93 3.87 38.20
CA SER D 43 -2.57 2.60 38.57
C SER D 43 -2.12 1.44 37.70
N THR D 44 -1.58 0.41 38.36
CA THR D 44 -1.27 -0.86 37.71
C THR D 44 -2.55 -1.62 37.40
N LEU D 45 -2.82 -1.81 36.12
CA LEU D 45 -4.07 -2.43 35.66
C LEU D 45 -4.00 -3.94 35.40
N LEU D 46 -2.91 -4.37 34.77
CA LEU D 46 -2.74 -5.78 34.39
C LEU D 46 -1.35 -6.33 34.72
N CYS D 47 -1.19 -7.64 34.54
CA CYS D 47 0.07 -8.35 34.78
C CYS D 47 0.56 -8.22 36.24
N GLU D 48 -0.26 -7.63 37.11
CA GLU D 48 0.14 -7.39 38.51
C GLU D 48 0.91 -8.55 39.14
N ASP D 49 0.46 -9.78 38.86
CA ASP D 49 1.11 -10.98 39.42
C ASP D 49 2.21 -11.62 38.53
N GLY D 50 2.62 -10.90 37.47
CA GLY D 50 3.73 -11.31 36.61
C GLY D 50 3.35 -11.94 35.29
N CYS D 51 4.05 -11.54 34.23
CA CYS D 51 3.86 -12.12 32.89
C CYS D 51 5.15 -12.08 32.05
N LEU D 52 5.05 -12.52 30.80
CA LEU D 52 6.22 -12.61 29.94
C LEU D 52 6.13 -11.60 28.80
N ALA D 53 7.29 -11.17 28.32
CA ALA D 53 7.38 -10.20 27.23
C ALA D 53 8.48 -10.55 26.23
N LEU D 54 8.11 -10.61 24.96
CA LEU D 54 9.00 -10.97 23.86
C LEU D 54 9.41 -9.70 23.13
N VAL D 55 10.70 -9.42 22.98
CA VAL D 55 11.09 -8.17 22.31
C VAL D 55 11.36 -8.46 20.83
N ASP D 56 10.37 -8.13 20.00
CA ASP D 56 10.23 -8.69 18.65
C ASP D 56 10.30 -7.66 17.52
N THR D 57 11.49 -7.54 16.94
CA THR D 57 11.78 -6.52 15.95
C THR D 57 10.96 -6.65 14.66
N GLY D 58 10.34 -7.84 14.44
CA GLY D 58 9.59 -8.17 13.23
C GLY D 58 8.07 -7.96 13.31
N ALA D 59 7.58 -7.60 14.49
CA ALA D 59 6.16 -7.31 14.72
C ALA D 59 5.92 -5.81 14.62
N SER D 60 4.84 -5.42 13.95
CA SER D 60 4.53 -4.02 13.70
C SER D 60 4.15 -3.24 14.95
N TYR D 61 3.34 -3.89 15.81
CA TYR D 61 2.70 -3.21 16.93
C TYR D 61 3.05 -3.85 18.25
N ILE D 62 2.57 -3.25 19.33
CA ILE D 62 2.57 -3.90 20.62
C ILE D 62 1.38 -4.86 20.67
N SER D 63 1.61 -6.13 20.97
CA SER D 63 0.48 -7.03 21.23
C SER D 63 0.41 -7.66 22.62
N GLY D 64 -0.78 -8.19 22.93
CA GLY D 64 -1.08 -8.92 24.16
C GLY D 64 -2.29 -9.82 23.89
N SER D 65 -2.51 -10.79 24.79
CA SER D 65 -3.62 -11.76 24.67
C SER D 65 -4.97 -11.06 24.69
N THR D 66 -6.01 -11.76 24.22
CA THR D 66 -7.35 -11.22 24.03
C THR D 66 -7.92 -10.63 25.33
N SER D 67 -7.92 -11.43 26.39
CA SER D 67 -8.44 -10.98 27.68
C SER D 67 -7.76 -9.70 28.18
N SER D 68 -6.43 -9.65 28.03
CA SER D 68 -5.67 -8.45 28.44
C SER D 68 -5.91 -7.23 27.55
N ILE D 69 -5.88 -7.41 26.23
CA ILE D 69 -6.18 -6.31 25.31
C ILE D 69 -7.61 -5.74 25.51
N GLU D 70 -8.56 -6.59 25.88
CA GLU D 70 -9.93 -6.14 26.16
C GLU D 70 -10.05 -5.30 27.43
N LYS D 71 -9.29 -5.67 28.47
CA LYS D 71 -9.26 -4.88 29.71
C LYS D 71 -8.64 -3.53 29.44
N LEU D 72 -7.52 -3.53 28.73
CA LEU D 72 -6.82 -2.29 28.41
C LEU D 72 -7.68 -1.35 27.55
N MET D 73 -8.42 -1.92 26.59
CA MET D 73 -9.26 -1.08 25.71
C MET D 73 -10.52 -0.49 26.38
N GLU D 74 -11.06 -1.22 27.36
CA GLU D 74 -12.08 -0.66 28.25
C GLU D 74 -11.54 0.52 29.05
N ALA D 75 -10.30 0.41 29.52
CA ALA D 75 -9.69 1.45 30.35
C ALA D 75 -9.33 2.69 29.55
N LEU D 76 -8.79 2.49 28.36
CA LEU D 76 -8.48 3.57 27.44
C LEU D 76 -9.76 4.20 26.88
N GLY D 77 -10.84 3.42 26.90
CA GLY D 77 -12.12 3.86 26.39
C GLY D 77 -12.27 3.57 24.91
N ALA D 78 -11.26 2.94 24.33
CA ALA D 78 -11.25 2.60 22.93
C ALA D 78 -12.31 1.54 22.66
N LYS D 79 -12.84 1.55 21.44
CA LYS D 79 -13.91 0.68 21.02
C LYS D 79 -13.42 -0.25 19.91
N LYS D 80 -13.88 -1.50 19.94
CA LYS D 80 -13.46 -2.53 18.98
C LYS D 80 -14.13 -2.42 17.59
N ARG D 81 -13.34 -2.66 16.54
CA ARG D 81 -13.83 -2.81 15.17
C ARG D 81 -13.42 -4.20 14.69
N LEU D 82 -13.63 -4.46 13.40
CA LEU D 82 -13.31 -5.73 12.77
C LEU D 82 -11.91 -6.26 13.10
N PHE D 83 -10.88 -5.47 12.78
CA PHE D 83 -9.51 -5.93 13.00
C PHE D 83 -8.68 -5.03 13.95
N ASP D 84 -9.28 -3.94 14.45
CA ASP D 84 -8.56 -2.98 15.30
C ASP D 84 -9.43 -2.25 16.32
N TYR D 85 -8.80 -1.39 17.11
CA TYR D 85 -9.45 -0.51 18.06
C TYR D 85 -9.26 0.93 17.62
N VAL D 86 -10.30 1.76 17.77
CA VAL D 86 -10.23 3.18 17.42
C VAL D 86 -10.79 4.12 18.50
N VAL D 87 -10.31 5.37 18.50
CA VAL D 87 -10.99 6.49 19.14
C VAL D 87 -11.36 7.54 18.08
N LYS D 88 -12.01 8.63 18.52
CA LYS D 88 -12.23 9.81 17.68
C LYS D 88 -10.90 10.54 17.53
N CYS D 89 -10.60 11.03 16.32
CA CYS D 89 -9.34 11.75 16.05
C CYS D 89 -9.26 13.11 16.74
N ASN D 90 -10.01 13.28 17.83
CA ASN D 90 -9.82 14.44 18.71
C ASN D 90 -9.81 14.06 20.20
N GLU D 91 -10.26 12.83 20.50
CA GLU D 91 -10.08 12.24 21.84
C GLU D 91 -8.63 11.79 22.05
N GLY D 92 -7.96 11.45 20.96
CA GLY D 92 -6.57 10.98 20.96
C GLY D 92 -5.68 11.61 22.01
N PRO D 93 -5.28 12.89 21.80
CA PRO D 93 -4.47 13.67 22.75
C PRO D 93 -4.84 13.50 24.23
N THR D 94 -6.12 13.62 24.56
CA THR D 94 -6.58 13.52 25.96
C THR D 94 -6.31 12.15 26.60
N LEU D 95 -6.00 11.15 25.77
CA LEU D 95 -5.78 9.77 26.21
C LEU D 95 -4.58 9.61 27.15
N PRO D 96 -4.66 8.65 28.12
CA PRO D 96 -3.71 8.49 29.23
C PRO D 96 -2.41 7.78 28.86
N ASP D 97 -1.37 8.01 29.67
CA ASP D 97 -0.07 7.32 29.54
C ASP D 97 -0.21 5.84 29.92
N ILE D 98 0.42 4.96 29.15
CA ILE D 98 0.59 3.56 29.52
C ILE D 98 2.07 3.32 29.88
N SER D 99 2.33 2.32 30.72
CA SER D 99 3.68 2.06 31.23
C SER D 99 3.98 0.57 31.44
N PHE D 100 5.16 0.16 31.01
CA PHE D 100 5.62 -1.22 31.15
C PHE D 100 6.77 -1.29 32.13
N HIS D 101 6.64 -2.19 33.11
CA HIS D 101 7.57 -2.32 34.22
C HIS D 101 8.55 -3.42 33.92
N LEU D 102 9.79 -3.04 33.63
CA LEU D 102 10.81 -3.97 33.19
C LEU D 102 12.12 -3.73 33.93
N GLY D 103 12.61 -4.77 34.60
CA GLY D 103 13.78 -4.69 35.48
C GLY D 103 13.79 -3.44 36.34
N GLY D 104 12.71 -3.21 37.09
CA GLY D 104 12.68 -2.12 38.06
C GLY D 104 12.34 -0.74 37.54
N LYS D 105 12.76 -0.43 36.31
CA LYS D 105 12.43 0.87 35.69
C LYS D 105 10.94 0.90 35.29
N GLU D 106 10.47 1.96 34.61
CA GLU D 106 9.09 2.04 34.13
C GLU D 106 8.99 2.71 32.74
N TYR D 107 8.60 1.92 31.74
CA TYR D 107 8.66 2.38 30.37
C TYR D 107 7.33 2.91 29.85
N THR D 108 7.33 4.22 29.61
CA THR D 108 6.10 4.95 29.34
C THR D 108 5.99 5.33 27.87
N LEU D 109 4.81 5.06 27.31
CA LEU D 109 4.41 5.64 26.03
C LEU D 109 3.19 6.54 26.21
N THR D 110 3.17 7.66 25.49
CA THR D 110 2.04 8.59 25.58
C THR D 110 1.07 8.32 24.45
N SER D 111 -0.14 8.90 24.56
CA SER D 111 -1.09 8.94 23.45
C SER D 111 -0.38 9.18 22.12
N ALA D 112 0.49 10.19 22.08
CA ALA D 112 1.26 10.49 20.86
C ALA D 112 2.21 9.37 20.39
N ASP D 113 2.56 8.45 21.30
CA ASP D 113 3.46 7.33 21.02
C ASP D 113 2.73 6.09 20.50
N TYR D 114 1.43 5.96 20.77
CA TYR D 114 0.67 4.78 20.36
C TYR D 114 -0.64 5.05 19.61
N VAL D 115 -0.86 6.30 19.22
CA VAL D 115 -2.03 6.65 18.42
C VAL D 115 -1.61 7.17 17.06
N PHE D 116 -2.02 6.48 15.99
CA PHE D 116 -1.90 7.03 14.63
C PHE D 116 -2.83 8.22 14.51
N GLN D 117 -2.21 9.40 14.56
CA GLN D 117 -2.91 10.67 14.63
C GLN D 117 -2.97 11.28 13.24
N GLU D 118 -3.69 10.61 12.35
CA GLU D 118 -3.85 11.05 10.97
C GLU D 118 -5.14 11.83 10.76
N SER D 119 -5.43 12.75 11.69
CA SER D 119 -6.61 13.63 11.60
C SER D 119 -6.89 14.30 12.95
N TYR D 120 -7.63 15.41 12.93
CA TYR D 120 -7.89 16.16 14.18
C TYR D 120 -9.37 16.42 14.51
N SER D 121 -10.26 16.10 13.57
CA SER D 121 -11.70 16.35 13.76
C SER D 121 -12.45 15.22 14.48
N SER D 122 -13.64 15.57 14.98
CA SER D 122 -14.54 14.65 15.67
C SER D 122 -15.30 13.76 14.68
N LYS D 123 -15.11 14.05 13.39
CA LYS D 123 -15.81 13.36 12.31
C LYS D 123 -15.08 12.06 11.86
N LYS D 124 -13.86 11.84 12.37
CA LYS D 124 -13.06 10.68 11.94
C LYS D 124 -12.56 9.78 13.07
N LEU D 125 -12.40 8.50 12.75
CA LEU D 125 -11.88 7.52 13.69
C LEU D 125 -10.37 7.36 13.48
N CYS D 126 -9.63 7.32 14.59
CA CYS D 126 -8.18 7.07 14.54
C CYS D 126 -7.83 5.77 15.27
N THR D 127 -6.95 4.99 14.67
CA THR D 127 -6.67 3.63 15.12
C THR D 127 -5.46 3.54 16.10
N LEU D 128 -5.41 2.46 16.86
CA LEU D 128 -4.33 2.29 17.85
C LEU D 128 -3.30 1.26 17.39
N ALA D 129 -2.04 1.57 17.64
CA ALA D 129 -0.97 0.65 17.32
C ALA D 129 -0.78 -0.40 18.44
N ILE D 130 -1.91 -0.84 19.00
CA ILE D 130 -1.95 -1.98 19.93
C ILE D 130 -3.01 -2.98 19.45
N HIS D 131 -2.69 -4.28 19.48
CA HIS D 131 -3.54 -5.32 18.91
C HIS D 131 -3.59 -6.58 19.76
N ALA D 132 -4.67 -7.34 19.68
CA ALA D 132 -4.70 -8.67 20.27
C ALA D 132 -4.00 -9.67 19.37
N MET D 133 -3.25 -10.59 19.98
CA MET D 133 -2.73 -11.76 19.31
C MET D 133 -2.38 -12.82 20.34
N ASP D 134 -2.90 -14.01 20.15
CA ASP D 134 -2.55 -15.10 21.02
C ASP D 134 -1.43 -15.87 20.40
N ILE D 135 -0.37 -16.03 21.19
CA ILE D 135 0.83 -16.72 20.80
C ILE D 135 0.82 -18.07 21.54
N PRO D 136 1.03 -19.18 20.82
CA PRO D 136 0.79 -20.51 21.41
C PRO D 136 2.02 -21.11 22.09
N PRO D 137 1.81 -21.99 23.09
CA PRO D 137 2.89 -22.65 23.83
C PRO D 137 3.96 -23.30 22.96
N PRO D 138 5.19 -23.46 23.49
CA PRO D 138 5.57 -23.04 24.85
C PRO D 138 5.87 -21.54 24.98
N THR D 139 6.28 -20.93 23.87
CA THR D 139 6.71 -19.52 23.85
C THR D 139 5.70 -18.59 24.53
N GLY D 140 4.43 -18.74 24.14
CA GLY D 140 3.33 -17.99 24.75
C GLY D 140 2.57 -18.74 25.83
N PRO D 141 1.47 -18.15 26.35
CA PRO D 141 1.00 -16.78 26.11
C PRO D 141 2.02 -15.75 26.62
N THR D 142 1.88 -14.50 26.15
CA THR D 142 2.87 -13.44 26.35
C THR D 142 2.53 -12.17 25.57
N TRP D 143 2.89 -11.02 26.14
CA TRP D 143 2.92 -9.80 25.39
C TRP D 143 4.01 -9.86 24.32
N ALA D 144 3.86 -9.05 23.28
CA ALA D 144 4.92 -8.88 22.31
C ALA D 144 5.18 -7.39 22.14
N LEU D 145 6.46 -7.00 22.20
CA LEU D 145 6.84 -5.58 22.09
C LEU D 145 7.50 -5.36 20.75
N GLY D 146 6.71 -4.87 19.78
CA GLY D 146 7.18 -4.64 18.41
C GLY D 146 7.58 -3.19 18.20
N ALA D 147 7.48 -2.74 16.94
CA ALA D 147 8.07 -1.44 16.52
C ALA D 147 7.48 -0.25 17.26
N THR D 148 6.23 -0.36 17.66
CA THR D 148 5.61 0.72 18.43
C THR D 148 6.47 1.01 19.67
N PHE D 149 6.89 -0.05 20.36
CA PHE D 149 7.68 0.10 21.59
C PHE D 149 9.11 0.56 21.27
N ILE D 150 9.69 -0.05 20.24
CA ILE D 150 11.05 0.18 19.79
C ILE D 150 11.30 1.59 19.21
N ARG D 151 10.28 2.17 18.59
CA ARG D 151 10.37 3.54 18.10
C ARG D 151 10.69 4.44 19.28
N LYS D 152 10.18 4.05 20.44
CA LYS D 152 10.27 4.86 21.64
C LYS D 152 11.60 4.56 22.35
N PHE D 153 11.94 3.28 22.40
CA PHE D 153 13.15 2.85 23.06
C PHE D 153 14.10 2.09 22.16
N TYR D 154 15.19 2.78 21.81
CA TYR D 154 16.35 2.17 21.18
C TYR D 154 16.85 0.95 22.01
N THR D 155 17.18 -0.13 21.29
CA THR D 155 17.30 -1.49 21.86
C THR D 155 18.60 -2.24 21.57
N GLU D 156 19.17 -2.83 22.60
CA GLU D 156 20.43 -3.51 22.43
C GLU D 156 20.28 -4.96 22.82
N PHE D 157 20.51 -5.85 21.85
CA PHE D 157 20.45 -7.27 22.10
C PHE D 157 21.87 -7.81 22.36
N ASP D 158 22.10 -8.27 23.60
CA ASP D 158 23.42 -8.66 24.12
C ASP D 158 23.48 -10.19 24.24
N ARG D 159 24.09 -10.85 23.25
CA ARG D 159 24.33 -12.31 23.29
C ARG D 159 25.38 -12.71 24.35
N ARG D 160 26.38 -11.85 24.57
CA ARG D 160 27.44 -12.10 25.56
C ARG D 160 26.90 -12.31 26.97
N ASN D 161 25.99 -11.45 27.42
CA ASN D 161 25.45 -11.51 28.76
C ASN D 161 24.00 -12.04 28.88
N ASN D 162 23.40 -12.45 27.75
CA ASN D 162 21.98 -12.82 27.69
C ASN D 162 21.08 -11.80 28.38
N ARG D 163 21.11 -10.58 27.85
CA ARG D 163 20.30 -9.49 28.35
C ARG D 163 19.90 -8.55 27.21
N ILE D 164 18.92 -7.69 27.49
CA ILE D 164 18.39 -6.70 26.58
C ILE D 164 18.42 -5.32 27.24
N GLY D 165 18.94 -4.32 26.54
CA GLY D 165 18.94 -2.96 27.08
C GLY D 165 18.10 -1.94 26.34
N PHE D 166 17.57 -0.97 27.07
CA PHE D 166 16.82 0.13 26.48
C PHE D 166 17.42 1.47 26.87
N ALA D 167 17.36 2.39 25.93
CA ALA D 167 17.59 3.80 26.16
C ALA D 167 16.61 4.55 25.28
N LEU D 168 16.23 5.76 25.69
CA LEU D 168 15.34 6.60 24.93
C LEU D 168 16.02 6.92 23.62
N ALA D 169 15.24 6.90 22.55
CA ALA D 169 15.73 7.12 21.21
C ALA D 169 15.79 8.61 20.89
N ARG D 170 16.67 8.98 19.97
CA ARG D 170 16.85 10.36 19.58
C ARG D 170 16.39 10.54 18.13
N HIS D 171 15.33 11.34 17.96
CA HIS D 171 14.71 11.55 16.65
C HIS D 171 15.08 12.88 16.00
C1 NAG E . -0.07 25.14 2.83
C2 NAG E . 0.16 26.03 4.06
C3 NAG E . -1.04 25.94 5.00
C4 NAG E . -2.34 26.25 4.27
C5 NAG E . -2.47 25.24 3.13
C6 NAG E . -3.80 25.38 2.41
C7 NAG E . 2.39 26.45 5.03
C8 NAG E . 3.46 25.92 5.95
N2 NAG E . 1.31 25.67 4.87
O3 NAG E . -0.82 26.78 6.10
O4 NAG E . -3.44 26.16 5.15
O5 NAG E . -1.35 25.38 2.24
O6 NAG E . -4.15 24.16 1.78
O7 NAG E . 2.52 27.53 4.46
CL1 LPN F . 1.38 9.37 -6.91
C2 LPN F . 0.65 8.02 -7.80
C3 LPN F . -0.73 7.76 -7.73
C4 LPN F . 1.50 7.22 -8.56
O5 LPN F . -1.61 8.51 -6.96
C6 LPN F . -1.20 6.68 -8.47
C7 LPN F . 1.00 6.15 -9.29
C8 LPN F . -1.59 8.53 -5.52
CL9 LPN F . -2.94 6.34 -8.41
C10 LPN F . -0.37 5.88 -9.25
C11 LPN F . 1.93 5.32 -10.12
C12 LPN F . -2.91 8.16 -4.80
O13 LPN F . -3.62 7.44 -5.79
C14 LPN F . -4.92 7.12 -6.07
C15 LPN F . -5.74 8.12 -6.59
C16 LPN F . -5.37 5.79 -6.01
C17 LPN F . -7.04 7.82 -6.99
C18 LPN F . -6.67 5.50 -6.40
C19 LPN F . -7.53 6.51 -6.90
C20 LPN F . -8.90 6.13 -7.37
C21 LPN F . -8.77 5.71 -8.87
C22 LPN F . -9.99 7.18 -7.14
C23 LPN F . -7.69 4.65 -9.02
C24 LPN F . -10.12 5.25 -9.47
C25 LPN F . -11.30 6.76 -7.82
O26 LPN F . -7.93 3.52 -8.64
N27 LPN F . -6.47 4.93 -9.51
N28 LPN F . -11.14 6.26 -9.20
C29 LPN F . -5.98 6.26 -9.94
C30 LPN F . -5.41 3.92 -9.54
C31 LPN F . -6.77 6.80 -11.13
C32 LPN F . -5.42 6.14 -11.35
C33 LPN F . -5.25 3.04 -10.77
C34 LPN F . -4.07 2.31 -10.86
C35 LPN F . -6.20 2.96 -11.78
CL36 LPN F . -2.86 2.43 -9.56
C37 LPN F . -3.81 1.49 -11.95
C38 LPN F . -5.94 2.13 -12.87
C39 LPN F . -4.75 1.41 -12.96
C40 LPN F . -6.93 2.02 -14.00
C41 LPN F . -6.50 3.05 -15.04
C42 LPN F . -7.73 3.60 -15.72
O43 LPN F . -7.36 4.77 -16.43
C44 LPN F . -8.04 4.87 -17.68
CL1 LPN G . 9.69 -16.01 1.08
C2 LPN G . 8.94 -14.50 1.68
C3 LPN G . 8.82 -14.38 3.05
C4 LPN G . 8.48 -13.50 0.82
O5 LPN G . 9.32 -15.42 3.81
C6 LPN G . 8.27 -13.24 3.59
C7 LPN G . 7.93 -12.35 1.38
C8 LPN G . 8.56 -16.44 4.46
CL9 LPN G . 8.13 -13.05 5.37
C10 LPN G . 7.82 -12.21 2.77
C11 LPN G . 7.43 -11.24 0.51
C12 LPN G . 8.33 -15.85 5.82
O13 LPN G . 8.15 -16.74 6.90
C14 LPN G . 7.83 -16.12 8.09
C15 LPN G . 6.57 -15.56 8.29
C16 LPN G . 8.82 -15.99 9.07
C17 LPN G . 6.32 -14.92 9.51
C18 LPN G . 8.55 -15.34 10.27
C19 LPN G . 7.30 -14.78 10.50
C20 LPN G . 6.97 -14.08 11.78
C21 LPN G . 7.22 -12.56 11.66
C22 LPN G . 7.68 -14.75 12.96
C23 LPN G . 6.18 -12.07 10.69
C24 LPN G . 7.06 -11.85 13.00
C25 LPN G . 7.43 -14.00 14.25
O26 LPN G . 5.00 -12.02 11.10
N27 LPN G . 6.55 -11.76 9.42
N28 LPN G . 7.75 -12.59 14.06
C29 LPN G . 7.89 -11.86 8.84
C30 LPN G . 5.60 -11.36 8.37
C31 LPN G . 8.92 -11.41 9.88
C32 LPN G . 8.49 -10.45 8.78
C33 LPN G . 5.21 -9.90 8.20
C34 LPN G . 4.62 -9.50 6.99
C35 LPN G . 5.40 -8.96 9.21
CL36 LPN G . 4.34 -10.71 5.66
C37 LPN G . 4.24 -8.18 6.77
C38 LPN G . 5.04 -7.63 8.97
C39 LPN G . 4.45 -7.24 7.75
C40 LPN G . 5.28 -6.57 10.01
C41 LPN G . 6.80 -6.45 10.06
C42 LPN G . 7.40 -5.07 9.75
O43 LPN G . 8.18 -4.55 10.83
C44 LPN G . 9.57 -4.60 10.54
#